data_6L9L
#
_entry.id   6L9L
#
_cell.length_a   148.044
_cell.length_b   148.044
_cell.length_c   169.449
_cell.angle_alpha   90.000
_cell.angle_beta   90.000
_cell.angle_gamma   90.000
#
_symmetry.space_group_name_H-M   'I 4'
#
loop_
_entity.id
_entity.type
_entity.pdbx_description
1 polymer 'H2-Ld a1a2'
2 polymer 'T Cell Receptor'
3 polymer 'T Cell Receptor'
4 polymer SER-PRO-SER-TYR-ALA-TYR-HIS-GLN-PHE
5 water water
#
loop_
_entity_poly.entity_id
_entity_poly.type
_entity_poly.pdbx_seq_one_letter_code
_entity_poly.pdbx_strand_id
1 'polypeptide(L)'
;GPHSMRYYETATSRRGLGEPRYTSVGYVDDKEFVRFDSDAENPRYEPQVPWMEQEGPEYWERITQIAKGQEQWFRVNLRT
LLGYYNQSAGGTHTLQRMYGCDVGSDGRLLRGYEQFAYDGCDYIALNEDLRTWTAADMAAQITRRKWEQAGAAEYYRAYL
EGECVEWLHRYLKNG
;
A,E
2 'polypeptide(L)'
;AKTTQPDSMESTEGETVHLPCSHATISGNEYIYWYRQVPLQGPEYVTHGLQQNTTNSMAFLAIASDRKSSTLILTHVSLR
DAAVYHCILQGTGSKLSFGKGAKLTVSPDIQNPDPAVYQLRDSKSSDKSVCLFTDFDSQTNVSQSKDSDVYITDKCVLDM
RSMDFKSNSAVAWSNKSDFACANAFNNSIIPEDTFFPS
;
C,G
3 'polypeptide(L)'
;AVTQSPRNKVTVTGGNVTLSCRQTNSHNYMYWYRQDTGHGLRLIHYSYGAGNLQIGDVPDGYKATRTTQEDFFLLLELAS
PSQTSLYFCASSDGDYEQYFGPGTRLTVLEDLKNVFPPEVAVFEPSEAEISHTQKATLVCLATGFYPDHVELSWWVNGKE
VHSGVCTDPQPLKEQPALNDSRYALSSRLRVSATFWQNPRNHFRCQVQFYGLSENDEWTQDRAKPVTQIVSAEAWGRAD
;
D,H
4 'polypeptide(L)' SPSYAYHQF B,F
#
# COMPACT_ATOMS: atom_id res chain seq x y z
N GLY A 1 48.08 3.74 -7.39
CA GLY A 1 47.61 3.09 -6.17
C GLY A 1 46.33 3.69 -5.64
N PRO A 2 46.37 4.18 -4.40
CA PRO A 2 45.20 4.82 -3.80
C PRO A 2 45.10 6.30 -4.13
N HIS A 3 43.87 6.79 -4.16
CA HIS A 3 43.62 8.19 -4.47
C HIS A 3 42.48 8.71 -3.60
N SER A 4 42.35 10.03 -3.57
CA SER A 4 41.42 10.68 -2.65
C SER A 4 40.89 11.95 -3.29
N MET A 5 39.69 12.33 -2.88
CA MET A 5 39.06 13.60 -3.23
C MET A 5 38.40 14.16 -2.00
N ARG A 6 38.59 15.46 -1.79
CA ARG A 6 38.11 16.09 -0.56
C ARG A 6 37.59 17.48 -0.89
N TYR A 7 36.50 17.87 -0.24
CA TYR A 7 36.04 19.25 -0.27
C TYR A 7 36.01 19.78 1.15
N TYR A 8 36.54 20.99 1.30
CA TYR A 8 36.45 21.78 2.53
C TYR A 8 35.63 23.02 2.24
N GLU A 9 34.62 23.27 3.06
CA GLU A 9 33.75 24.43 2.90
C GLU A 9 33.70 25.18 4.22
N THR A 10 33.62 26.51 4.11
CA THR A 10 33.55 27.38 5.27
C THR A 10 32.49 28.44 5.03
N ALA A 11 31.70 28.74 6.06
CA ALA A 11 30.74 29.83 6.02
C ALA A 11 30.83 30.61 7.31
N THR A 12 31.17 31.89 7.22
CA THR A 12 31.35 32.73 8.39
C THR A 12 30.46 33.94 8.26
N SER A 13 29.56 34.13 9.23
CA SER A 13 28.67 35.28 9.24
C SER A 13 29.44 36.54 9.61
N ARG A 14 29.07 37.65 9.00
CA ARG A 14 29.91 38.84 9.03
C ARG A 14 29.47 39.81 10.12
N ARG A 15 30.08 41.00 10.11
CA ARG A 15 29.97 41.97 11.19
C ARG A 15 28.70 42.79 11.02
N GLY A 16 27.66 42.45 11.77
CA GLY A 16 26.47 43.29 11.87
C GLY A 16 25.59 43.49 10.66
N LEU A 17 26.16 43.77 9.49
CA LEU A 17 25.40 44.24 8.33
C LEU A 17 25.31 43.23 7.20
N GLY A 18 26.47 42.75 6.73
CA GLY A 18 26.53 41.92 5.55
C GLY A 18 26.11 40.50 5.79
N GLU A 19 26.05 39.77 4.70
CA GLU A 19 25.73 38.37 4.76
C GLU A 19 27.00 37.55 4.84
N PRO A 20 26.90 36.28 5.24
CA PRO A 20 28.11 35.47 5.47
C PRO A 20 28.96 35.35 4.23
N ARG A 21 30.15 34.80 4.41
CA ARG A 21 31.01 34.46 3.29
C ARG A 21 31.22 32.96 3.27
N TYR A 22 31.13 32.39 2.06
CA TYR A 22 31.20 30.96 1.83
C TYR A 22 32.34 30.69 0.87
N THR A 23 33.25 29.83 1.28
CA THR A 23 34.35 29.39 0.47
C THR A 23 34.30 27.88 0.34
N SER A 24 34.68 27.39 -0.83
CA SER A 24 34.70 25.96 -1.10
C SER A 24 35.99 25.66 -1.84
N VAL A 25 36.81 24.77 -1.30
CA VAL A 25 38.03 24.36 -1.97
C VAL A 25 38.08 22.85 -2.05
N GLY A 26 38.37 22.34 -3.24
CA GLY A 26 38.44 20.91 -3.50
C GLY A 26 39.88 20.47 -3.74
N TYR A 27 40.17 19.24 -3.34
CA TYR A 27 41.48 18.65 -3.43
C TYR A 27 41.33 17.30 -4.11
N VAL A 28 42.23 17.03 -5.06
CA VAL A 28 42.41 15.71 -5.65
C VAL A 28 43.83 15.26 -5.33
N ASP A 29 43.95 14.14 -4.64
CA ASP A 29 45.24 13.62 -4.19
C ASP A 29 46.04 14.69 -3.46
N ASP A 30 45.33 15.44 -2.61
CA ASP A 30 45.91 16.48 -1.77
C ASP A 30 46.51 17.64 -2.58
N LYS A 31 46.00 17.89 -3.79
CA LYS A 31 46.30 19.10 -4.54
C LYS A 31 45.00 19.86 -4.78
N GLU A 32 44.98 21.14 -4.43
CA GLU A 32 43.83 22.00 -4.67
C GLU A 32 43.56 22.11 -6.16
N PHE A 33 42.34 21.79 -6.59
CA PHE A 33 42.02 21.83 -8.00
C PHE A 33 40.83 22.72 -8.36
N VAL A 34 39.96 23.07 -7.41
CA VAL A 34 38.91 24.05 -7.66
C VAL A 34 38.75 24.91 -6.41
N ARG A 35 38.17 26.09 -6.61
CA ARG A 35 37.89 26.99 -5.50
C ARG A 35 36.72 27.89 -5.86
N PHE A 36 35.91 28.21 -4.86
CA PHE A 36 34.77 29.10 -4.96
C PHE A 36 34.85 30.06 -3.79
N ASP A 37 34.55 31.34 -4.04
CA ASP A 37 34.57 32.33 -2.97
C ASP A 37 33.43 33.32 -3.21
N SER A 38 32.53 33.40 -2.23
CA SER A 38 31.34 34.24 -2.35
C SER A 38 31.65 35.73 -2.31
N ASP A 39 32.80 36.11 -1.76
CA ASP A 39 33.23 37.50 -1.71
C ASP A 39 33.95 37.94 -2.98
N ALA A 40 34.05 37.08 -3.99
CA ALA A 40 34.73 37.45 -5.21
C ALA A 40 33.88 38.43 -6.00
N GLU A 41 34.49 39.02 -7.03
CA GLU A 41 33.81 39.99 -7.87
C GLU A 41 32.49 39.43 -8.39
N ASN A 42 32.55 38.37 -9.19
CA ASN A 42 31.37 37.56 -9.46
C ASN A 42 31.69 36.14 -9.05
N PRO A 43 30.99 35.57 -8.08
CA PRO A 43 31.40 34.28 -7.53
C PRO A 43 31.17 33.14 -8.53
N ARG A 44 32.19 32.31 -8.69
CA ARG A 44 32.12 31.14 -9.54
C ARG A 44 33.28 30.21 -9.21
N TYR A 45 33.06 28.92 -9.43
CA TYR A 45 34.16 27.98 -9.31
C TYR A 45 35.21 28.30 -10.36
N GLU A 46 36.48 28.24 -9.96
CA GLU A 46 37.59 28.50 -10.86
C GLU A 46 38.63 27.39 -10.77
N PRO A 47 39.31 27.12 -11.88
CA PRO A 47 40.35 26.08 -11.84
C PRO A 47 41.58 26.57 -11.10
N GLN A 48 42.11 25.70 -10.24
CA GLN A 48 43.34 25.94 -9.51
C GLN A 48 44.52 25.17 -10.07
N VAL A 49 44.32 24.52 -11.21
CA VAL A 49 45.29 23.59 -11.78
C VAL A 49 45.07 23.57 -13.29
N PRO A 50 46.12 23.56 -14.10
CA PRO A 50 45.91 23.68 -15.56
C PRO A 50 45.10 22.55 -16.16
N TRP A 51 45.15 21.34 -15.62
CA TRP A 51 44.44 20.25 -16.27
C TRP A 51 42.95 20.23 -15.95
N MET A 52 42.44 21.22 -15.21
CA MET A 52 41.02 21.40 -15.05
C MET A 52 40.43 22.40 -16.05
N GLU A 53 41.27 22.97 -16.91
CA GLU A 53 40.76 23.91 -17.90
C GLU A 53 40.07 23.22 -19.06
N GLN A 54 40.35 21.93 -19.27
CA GLN A 54 39.74 21.15 -20.34
C GLN A 54 38.32 20.74 -20.03
N GLU A 55 37.63 21.45 -19.14
CA GLU A 55 36.21 21.24 -18.88
C GLU A 55 35.43 22.40 -19.47
N GLY A 56 34.32 22.08 -20.11
CA GLY A 56 33.52 23.06 -20.81
C GLY A 56 32.76 23.97 -19.89
N PRO A 57 32.19 25.05 -20.45
CA PRO A 57 31.40 25.98 -19.63
C PRO A 57 30.25 25.33 -18.88
N GLU A 58 29.67 24.25 -19.41
CA GLU A 58 28.56 23.59 -18.72
C GLU A 58 28.99 23.06 -17.37
N TYR A 59 30.22 22.55 -17.28
CA TYR A 59 30.73 22.01 -16.01
C TYR A 59 30.80 23.10 -14.95
N TRP A 60 31.45 24.22 -15.27
CA TRP A 60 31.65 25.29 -14.30
C TRP A 60 30.34 25.98 -13.97
N GLU A 61 29.46 26.13 -14.95
CA GLU A 61 28.13 26.65 -14.70
C GLU A 61 27.38 25.77 -13.70
N ARG A 62 27.40 24.45 -13.92
CA ARG A 62 26.60 23.57 -13.09
C ARG A 62 27.13 23.54 -11.65
N ILE A 63 28.43 23.31 -11.49
CA ILE A 63 28.95 23.27 -10.12
C ILE A 63 28.82 24.63 -9.45
N THR A 64 28.85 25.71 -10.23
CA THR A 64 28.61 27.02 -9.64
C THR A 64 27.19 27.14 -9.11
N GLN A 65 26.20 26.62 -9.84
CA GLN A 65 24.84 26.63 -9.33
C GLN A 65 24.72 25.81 -8.05
N ILE A 66 25.39 24.65 -8.00
CA ILE A 66 25.48 23.92 -6.74
C ILE A 66 26.01 24.81 -5.63
N ALA A 67 27.07 25.59 -5.92
CA ALA A 67 27.67 26.44 -4.90
C ALA A 67 26.71 27.53 -4.42
N LYS A 68 25.91 28.09 -5.34
CA LYS A 68 24.88 29.06 -4.94
C LYS A 68 23.89 28.44 -3.96
N GLY A 69 23.39 27.25 -4.31
CA GLY A 69 22.49 26.57 -3.39
C GLY A 69 23.13 26.31 -2.04
N GLN A 70 24.40 25.88 -2.05
CA GLN A 70 25.10 25.59 -0.81
C GLN A 70 25.25 26.85 0.03
N GLU A 71 25.50 27.99 -0.60
CA GLU A 71 25.57 29.24 0.15
C GLU A 71 24.26 29.50 0.88
N GLN A 72 23.14 29.37 0.17
CA GLN A 72 21.84 29.54 0.83
C GLN A 72 21.69 28.58 2.01
N TRP A 73 22.03 27.31 1.79
CA TRP A 73 21.96 26.34 2.87
C TRP A 73 22.76 26.80 4.08
N PHE A 74 23.95 27.37 3.85
CA PHE A 74 24.78 27.77 4.98
C PHE A 74 24.15 28.94 5.73
N ARG A 75 23.63 29.94 5.02
CA ARG A 75 22.90 31.00 5.71
C ARG A 75 21.79 30.43 6.60
N VAL A 76 20.92 29.59 6.01
CA VAL A 76 19.77 29.07 6.74
C VAL A 76 20.22 28.29 7.98
N ASN A 77 21.21 27.41 7.83
CA ASN A 77 21.57 26.55 8.96
C ASN A 77 22.47 27.23 9.99
N LEU A 78 23.18 28.30 9.61
CA LEU A 78 23.79 29.11 10.66
C LEU A 78 22.72 29.81 11.48
N ARG A 79 21.63 30.25 10.85
CA ARG A 79 20.53 30.78 11.65
C ARG A 79 19.96 29.72 12.57
N THR A 80 19.78 28.49 12.06
CA THR A 80 19.28 27.41 12.91
C THR A 80 20.19 27.17 14.11
N LEU A 81 21.51 27.15 13.90
CA LEU A 81 22.40 26.89 15.04
C LEU A 81 22.45 28.06 16.02
N LEU A 82 22.30 29.29 15.52
CA LEU A 82 22.01 30.40 16.41
C LEU A 82 20.85 30.06 17.33
N GLY A 83 19.77 29.51 16.75
CA GLY A 83 18.63 29.11 17.56
C GLY A 83 18.97 28.01 18.56
N TYR A 84 19.66 26.97 18.10
CA TYR A 84 19.91 25.80 18.96
C TYR A 84 20.79 26.15 20.15
N TYR A 85 21.81 26.99 19.95
CA TYR A 85 22.76 27.31 20.99
C TYR A 85 22.40 28.58 21.75
N ASN A 86 21.26 29.19 21.44
CA ASN A 86 20.78 30.38 22.14
C ASN A 86 21.84 31.46 22.19
N GLN A 87 22.22 31.94 21.01
CA GLN A 87 23.21 32.99 20.86
C GLN A 87 22.58 34.19 20.17
N SER A 88 23.02 35.37 20.56
CA SER A 88 22.50 36.60 19.96
C SER A 88 22.93 36.71 18.50
N ALA A 89 22.03 37.23 17.67
CA ALA A 89 22.35 37.50 16.28
C ALA A 89 23.36 38.65 16.19
N GLY A 90 23.72 38.99 14.95
CA GLY A 90 24.70 40.04 14.69
C GLY A 90 26.10 39.75 15.19
N GLY A 91 26.36 38.50 15.59
CA GLY A 91 27.69 38.07 15.97
C GLY A 91 28.43 37.42 14.81
N THR A 92 29.59 36.87 15.13
CA THR A 92 30.39 36.14 14.15
C THR A 92 30.46 34.67 14.54
N HIS A 93 30.23 33.80 13.57
CA HIS A 93 30.20 32.36 13.79
C HIS A 93 30.64 31.64 12.53
N THR A 94 31.11 30.40 12.71
CA THR A 94 31.71 29.64 11.63
C THR A 94 31.07 28.25 11.52
N LEU A 95 30.70 27.88 10.30
CA LEU A 95 30.33 26.51 9.99
C LEU A 95 31.35 25.95 9.00
N GLN A 96 31.91 24.79 9.32
CA GLN A 96 32.90 24.13 8.47
C GLN A 96 32.41 22.74 8.10
N ARG A 97 32.56 22.40 6.83
CA ARG A 97 32.12 21.11 6.30
C ARG A 97 33.27 20.44 5.57
N MET A 98 33.44 19.15 5.81
CA MET A 98 34.44 18.39 5.07
C MET A 98 33.77 17.11 4.58
N TYR A 99 33.98 16.79 3.31
CA TYR A 99 33.43 15.54 2.81
C TYR A 99 34.30 15.04 1.66
N GLY A 100 34.21 13.76 1.37
CA GLY A 100 34.99 13.23 0.27
C GLY A 100 35.18 11.73 0.38
N CYS A 101 36.07 11.23 -0.46
CA CYS A 101 36.24 9.80 -0.60
C CYS A 101 37.71 9.42 -0.74
N ASP A 102 38.06 8.28 -0.15
CA ASP A 102 39.31 7.58 -0.31
C ASP A 102 39.02 6.28 -1.05
N VAL A 103 39.60 6.13 -2.23
CA VAL A 103 39.50 4.88 -2.99
C VAL A 103 40.89 4.27 -3.05
N GLY A 104 40.94 2.94 -3.12
CA GLY A 104 42.18 2.22 -3.04
C GLY A 104 42.80 1.92 -4.40
N SER A 105 43.62 0.88 -4.41
CA SER A 105 44.32 0.49 -5.63
C SER A 105 43.43 -0.28 -6.59
N ASP A 106 42.32 -0.82 -6.12
CA ASP A 106 41.36 -1.52 -6.96
C ASP A 106 40.31 -0.60 -7.57
N GLY A 107 40.41 0.72 -7.32
CA GLY A 107 39.52 1.68 -7.92
C GLY A 107 38.22 1.94 -7.18
N ARG A 108 37.87 1.13 -6.19
CA ARG A 108 36.62 1.33 -5.48
C ARG A 108 36.87 1.86 -4.08
N LEU A 109 35.78 2.10 -3.35
CA LEU A 109 35.77 3.04 -2.24
C LEU A 109 36.28 2.37 -0.97
N LEU A 110 37.30 2.97 -0.34
CA LEU A 110 37.73 2.49 0.96
C LEU A 110 37.12 3.27 2.11
N ARG A 111 36.92 4.57 1.97
CA ARG A 111 36.34 5.31 3.07
C ARG A 111 35.63 6.56 2.56
N GLY A 112 34.47 6.85 3.15
CA GLY A 112 33.73 8.06 2.86
C GLY A 112 33.71 8.99 4.07
N TYR A 113 33.63 10.29 3.81
CA TYR A 113 33.58 11.29 4.86
C TYR A 113 32.49 12.30 4.58
N GLU A 114 31.77 12.68 5.65
CA GLU A 114 30.84 13.81 5.64
C GLU A 114 30.75 14.28 7.08
N GLN A 115 31.18 15.50 7.36
CA GLN A 115 31.22 15.95 8.74
C GLN A 115 31.15 17.47 8.83
N PHE A 116 30.59 17.94 9.94
CA PHE A 116 30.29 19.34 10.18
C PHE A 116 30.79 19.76 11.55
N ALA A 117 31.35 20.96 11.60
CA ALA A 117 31.88 21.56 12.81
C ALA A 117 31.40 23.01 12.93
N TYR A 118 31.08 23.42 14.16
CA TYR A 118 30.51 24.74 14.43
C TYR A 118 31.42 25.49 15.39
N ASP A 119 31.88 26.67 14.96
CA ASP A 119 32.77 27.51 15.75
C ASP A 119 34.02 26.76 16.20
N GLY A 120 34.50 25.85 15.36
CA GLY A 120 35.70 25.11 15.66
C GLY A 120 35.48 23.83 16.44
N CYS A 121 34.25 23.52 16.81
CA CYS A 121 33.94 22.33 17.58
C CYS A 121 33.15 21.35 16.72
N ASP A 122 33.44 20.07 16.87
CA ASP A 122 32.72 19.05 16.12
C ASP A 122 31.24 19.14 16.41
N TYR A 123 30.43 19.10 15.35
CA TYR A 123 28.98 19.11 15.48
C TYR A 123 28.42 17.73 15.17
N ILE A 124 28.50 17.28 13.92
CA ILE A 124 27.97 15.96 13.60
C ILE A 124 28.82 15.34 12.51
N ALA A 125 29.04 14.04 12.59
CA ALA A 125 29.91 13.36 11.65
C ALA A 125 29.34 12.01 11.26
N LEU A 126 29.51 11.65 9.99
CA LEU A 126 29.06 10.36 9.48
C LEU A 126 30.10 9.31 9.82
N ASN A 127 29.69 8.27 10.54
CA ASN A 127 30.59 7.19 10.89
C ASN A 127 31.02 6.41 9.66
N GLU A 128 32.08 5.63 9.83
CA GLU A 128 32.68 4.91 8.69
C GLU A 128 31.69 3.95 8.04
N ASP A 129 30.70 3.45 8.79
CA ASP A 129 29.67 2.61 8.18
C ASP A 129 28.81 3.36 7.18
N LEU A 130 28.93 4.69 7.13
CA LEU A 130 28.11 5.56 6.28
C LEU A 130 26.62 5.41 6.55
N ARG A 131 26.25 4.90 7.72
CA ARG A 131 24.85 4.71 8.07
C ARG A 131 24.47 5.27 9.42
N THR A 132 25.42 5.55 10.31
CA THR A 132 25.15 6.08 11.65
C THR A 132 25.89 7.40 11.83
N TRP A 133 25.47 8.15 12.85
CA TRP A 133 25.99 9.48 13.08
C TRP A 133 26.57 9.60 14.47
N THR A 134 27.65 10.38 14.58
CA THR A 134 28.23 10.78 15.85
C THR A 134 27.90 12.24 16.07
N ALA A 135 27.20 12.52 17.16
CA ALA A 135 26.76 13.86 17.52
C ALA A 135 27.44 14.25 18.82
N ALA A 136 28.09 15.41 18.83
CA ALA A 136 28.99 15.77 19.92
C ALA A 136 28.30 16.38 21.12
N ASP A 137 27.12 16.95 20.97
CA ASP A 137 26.43 17.56 22.11
C ASP A 137 24.92 17.38 21.92
N MET A 138 24.13 18.13 22.68
CA MET A 138 22.68 17.94 22.68
C MET A 138 22.04 18.40 21.38
N ALA A 139 22.28 19.65 21.00
CA ALA A 139 21.78 20.19 19.74
C ALA A 139 22.11 19.26 18.58
N ALA A 140 23.34 18.76 18.56
CA ALA A 140 23.72 17.78 17.55
C ALA A 140 22.82 16.55 17.60
N GLN A 141 22.35 16.17 18.78
CA GLN A 141 21.47 15.00 18.85
C GLN A 141 20.09 15.32 18.30
N ILE A 142 19.63 16.56 18.48
CA ILE A 142 18.42 17.01 17.77
C ILE A 142 18.58 16.78 16.28
N THR A 143 19.65 17.37 15.71
CA THR A 143 19.92 17.20 14.29
C THR A 143 20.00 15.73 13.90
N ARG A 144 20.61 14.91 14.75
CA ARG A 144 20.79 13.50 14.44
C ARG A 144 19.45 12.78 14.36
N ARG A 145 18.54 13.07 15.30
CA ARG A 145 17.23 12.45 15.20
C ARG A 145 16.54 12.89 13.91
N LYS A 146 16.60 14.18 13.59
CA LYS A 146 16.03 14.65 12.33
C LYS A 146 16.62 13.91 11.12
N TRP A 147 17.94 13.70 11.11
CA TRP A 147 18.58 13.10 9.95
C TRP A 147 18.35 11.60 9.89
N GLU A 148 18.10 10.96 11.02
CA GLU A 148 17.65 9.58 11.00
C GLU A 148 16.25 9.49 10.40
N GLN A 149 15.32 10.35 10.82
CA GLN A 149 13.99 10.34 10.21
C GLN A 149 14.06 10.65 8.71
N ALA A 150 14.96 11.56 8.33
CA ALA A 150 14.99 12.07 6.96
C ALA A 150 15.83 11.23 6.01
N GLY A 151 16.54 10.22 6.52
CA GLY A 151 17.36 9.39 5.65
C GLY A 151 18.57 10.11 5.10
N ALA A 152 19.17 11.01 5.89
CA ALA A 152 20.32 11.77 5.41
C ALA A 152 21.50 10.87 5.07
N ALA A 153 21.77 9.88 5.92
CA ALA A 153 22.94 9.02 5.70
C ALA A 153 22.89 8.33 4.34
N GLU A 154 21.69 7.94 3.89
CA GLU A 154 21.54 7.30 2.59
C GLU A 154 21.83 8.27 1.45
N TYR A 155 21.41 9.51 1.62
CA TYR A 155 21.71 10.56 0.63
C TYR A 155 23.21 10.78 0.50
N TYR A 156 23.88 10.98 1.64
CA TYR A 156 25.33 11.16 1.59
C TYR A 156 26.05 9.93 1.07
N ARG A 157 25.62 8.74 1.50
CA ARG A 157 26.23 7.50 1.01
C ARG A 157 26.03 7.33 -0.48
N ALA A 158 24.91 7.80 -1.00
CA ALA A 158 24.71 7.77 -2.44
C ALA A 158 25.71 8.67 -3.15
N TYR A 159 26.01 9.83 -2.55
CA TYR A 159 27.06 10.67 -3.16
C TYR A 159 28.43 10.01 -3.07
N LEU A 160 28.79 9.52 -1.87
CA LEU A 160 30.16 9.08 -1.62
C LEU A 160 30.49 7.80 -2.36
N GLU A 161 29.53 6.87 -2.45
CA GLU A 161 29.78 5.63 -3.16
C GLU A 161 29.68 5.79 -4.67
N GLY A 162 28.99 6.81 -5.16
CA GLY A 162 28.75 6.91 -6.58
C GLY A 162 29.52 8.00 -7.28
N GLU A 163 29.05 9.25 -7.14
CA GLU A 163 29.60 10.33 -7.94
C GLU A 163 30.95 10.80 -7.40
N CYS A 164 31.20 10.65 -6.11
CA CYS A 164 32.52 10.97 -5.60
C CYS A 164 33.58 10.15 -6.33
N VAL A 165 33.41 8.83 -6.33
CA VAL A 165 34.39 7.94 -6.94
C VAL A 165 34.54 8.24 -8.43
N GLU A 166 33.42 8.32 -9.13
CA GLU A 166 33.44 8.49 -10.57
C GLU A 166 34.04 9.82 -10.97
N TRP A 167 33.68 10.89 -10.25
CA TRP A 167 34.25 12.19 -10.54
C TRP A 167 35.75 12.23 -10.23
N LEU A 168 36.18 11.49 -9.20
CA LEU A 168 37.60 11.44 -8.89
C LEU A 168 38.38 10.75 -9.99
N HIS A 169 37.95 9.55 -10.39
CA HIS A 169 38.59 8.87 -11.52
C HIS A 169 38.61 9.77 -12.74
N ARG A 170 37.52 10.51 -12.96
CA ARG A 170 37.45 11.43 -14.09
C ARG A 170 38.52 12.50 -13.99
N TYR A 171 38.71 13.08 -12.79
CA TYR A 171 39.71 14.13 -12.64
C TYR A 171 41.11 13.57 -12.77
N LEU A 172 41.29 12.28 -12.46
CA LEU A 172 42.59 11.63 -12.61
C LEU A 172 42.90 11.32 -14.06
N LYS A 173 41.87 11.02 -14.86
CA LYS A 173 42.10 10.89 -16.30
C LYS A 173 42.50 12.24 -16.90
N ASN A 174 42.07 13.33 -16.28
CA ASN A 174 42.48 14.66 -16.74
C ASN A 174 43.96 14.94 -16.54
N GLY A 175 44.71 14.03 -15.92
CA GLY A 175 46.14 14.23 -15.75
C GLY A 175 46.98 13.34 -16.65
N ALA B 1 16.05 22.28 -12.36
CA ALA B 1 15.76 21.01 -13.02
C ALA B 1 14.24 20.78 -13.03
N LYS B 2 13.69 20.43 -14.19
CA LYS B 2 12.26 20.44 -14.45
C LYS B 2 11.72 19.02 -14.63
N THR B 3 10.42 18.85 -14.40
CA THR B 3 9.77 17.58 -14.65
C THR B 3 8.72 17.73 -15.74
N THR B 4 8.37 16.60 -16.34
CA THR B 4 7.39 16.54 -17.41
C THR B 4 6.43 15.37 -17.16
N GLN B 5 5.13 15.64 -17.20
CA GLN B 5 4.10 14.63 -17.07
C GLN B 5 3.05 14.83 -18.15
N PRO B 6 2.39 13.76 -18.59
CA PRO B 6 1.16 13.94 -19.36
C PRO B 6 0.13 14.62 -18.49
N ASP B 7 -0.53 15.65 -19.03
CA ASP B 7 -1.30 16.55 -18.19
C ASP B 7 -2.63 15.96 -17.72
N SER B 8 -3.15 14.93 -18.37
CA SER B 8 -4.37 14.31 -17.88
C SER B 8 -4.26 12.80 -18.02
N MET B 9 -5.10 12.10 -17.25
CA MET B 9 -5.17 10.64 -17.35
C MET B 9 -6.56 10.21 -16.87
N GLU B 10 -7.21 9.34 -17.64
CA GLU B 10 -8.51 8.80 -17.27
C GLU B 10 -8.37 7.41 -16.69
N SER B 11 -9.21 7.08 -15.72
CA SER B 11 -9.19 5.78 -15.10
C SER B 11 -10.58 5.45 -14.58
N THR B 12 -10.75 4.18 -14.22
CA THR B 12 -11.98 3.66 -13.66
C THR B 12 -11.69 3.14 -12.27
N GLU B 13 -12.63 3.33 -11.36
CA GLU B 13 -12.44 2.87 -9.98
C GLU B 13 -12.11 1.38 -9.96
N GLY B 14 -11.22 1.01 -9.05
CA GLY B 14 -10.74 -0.35 -9.00
C GLY B 14 -9.51 -0.63 -9.82
N GLU B 15 -9.14 0.27 -10.73
CA GLU B 15 -7.91 0.09 -11.48
C GLU B 15 -6.71 0.56 -10.68
N THR B 16 -5.56 0.02 -11.04
CA THR B 16 -4.29 0.46 -10.48
C THR B 16 -3.66 1.43 -11.46
N VAL B 17 -3.44 2.66 -11.02
CA VAL B 17 -3.08 3.77 -11.90
C VAL B 17 -1.58 4.00 -11.83
N HIS B 18 -0.95 4.14 -13.00
CA HIS B 18 0.48 4.40 -13.14
C HIS B 18 0.67 5.79 -13.73
N LEU B 19 1.08 6.73 -12.90
CA LEU B 19 1.33 8.10 -13.33
C LEU B 19 2.81 8.29 -13.66
N PRO B 20 3.18 8.50 -14.93
CA PRO B 20 4.60 8.62 -15.28
C PRO B 20 5.13 10.04 -15.12
N CYS B 21 6.44 10.13 -14.86
CA CYS B 21 7.11 11.42 -14.74
C CYS B 21 8.49 11.32 -15.36
N SER B 22 8.85 12.32 -16.15
CA SER B 22 10.12 12.34 -16.85
C SER B 22 10.98 13.47 -16.29
N HIS B 23 12.21 13.13 -15.87
CA HIS B 23 13.14 14.12 -15.32
C HIS B 23 14.57 13.68 -15.68
N ALA B 24 14.93 13.88 -16.95
CA ALA B 24 16.16 13.33 -17.50
C ALA B 24 17.42 14.05 -17.05
N THR B 25 17.32 15.33 -16.66
CA THR B 25 18.47 16.10 -16.20
C THR B 25 18.60 16.11 -14.69
N ILE B 26 17.96 15.16 -14.00
CA ILE B 26 18.07 15.09 -12.55
C ILE B 26 19.52 14.89 -12.14
N SER B 27 19.88 15.41 -10.97
CA SER B 27 21.20 15.25 -10.41
C SER B 27 21.09 14.56 -9.06
N GLY B 28 22.25 14.22 -8.50
CA GLY B 28 22.32 13.58 -7.21
C GLY B 28 22.00 14.47 -6.04
N ASN B 29 21.79 15.77 -6.27
CA ASN B 29 21.40 16.68 -5.20
C ASN B 29 19.88 16.89 -5.12
N GLU B 30 19.09 16.10 -5.87
CA GLU B 30 17.65 16.35 -5.93
C GLU B 30 16.88 15.07 -5.64
N TYR B 31 15.84 15.20 -4.82
CA TYR B 31 14.87 14.14 -4.59
C TYR B 31 13.69 14.31 -5.54
N ILE B 32 12.99 13.21 -5.78
CA ILE B 32 11.73 13.20 -6.51
C ILE B 32 10.60 13.27 -5.49
N TYR B 33 9.78 14.30 -5.58
CA TYR B 33 8.64 14.49 -4.70
C TYR B 33 7.35 14.42 -5.50
N TRP B 34 6.32 13.83 -4.88
CA TRP B 34 4.99 13.76 -5.46
C TRP B 34 3.97 14.34 -4.49
N TYR B 35 3.12 15.22 -5.00
CA TYR B 35 2.04 15.87 -4.27
C TYR B 35 0.68 15.57 -4.91
N ARG B 36 -0.37 15.67 -4.11
CA ARG B 36 -1.75 15.47 -4.55
C ARG B 36 -2.59 16.69 -4.20
N GLN B 37 -3.39 17.16 -5.15
CA GLN B 37 -4.26 18.33 -4.97
C GLN B 37 -5.68 17.98 -5.38
N VAL B 38 -6.52 17.66 -4.41
CA VAL B 38 -7.93 17.36 -4.69
C VAL B 38 -8.64 18.67 -4.93
N PRO B 39 -9.74 18.68 -5.69
CA PRO B 39 -10.38 19.94 -6.06
C PRO B 39 -10.70 20.81 -4.85
N LEU B 40 -10.46 22.11 -5.00
CA LEU B 40 -10.77 23.12 -3.99
C LEU B 40 -9.82 23.03 -2.79
N GLN B 41 -8.58 22.60 -3.01
CA GLN B 41 -7.62 22.46 -1.92
C GLN B 41 -6.22 22.76 -2.44
N GLY B 42 -5.30 22.93 -1.51
CA GLY B 42 -3.90 23.04 -1.87
C GLY B 42 -3.26 21.68 -1.93
N PRO B 43 -2.11 21.57 -2.58
CA PRO B 43 -1.45 20.28 -2.68
C PRO B 43 -1.09 19.73 -1.29
N GLU B 44 -0.97 18.42 -1.22
CA GLU B 44 -0.47 17.77 -0.02
C GLU B 44 0.56 16.73 -0.43
N TYR B 45 1.56 16.55 0.43
CA TYR B 45 2.63 15.61 0.17
C TYR B 45 2.08 14.20 0.02
N VAL B 46 2.48 13.51 -1.05
CA VAL B 46 2.16 12.10 -1.20
C VAL B 46 3.36 11.28 -0.80
N THR B 47 4.48 11.45 -1.52
CA THR B 47 5.64 10.62 -1.24
C THR B 47 6.88 11.29 -1.84
N HIS B 48 8.04 10.70 -1.58
CA HIS B 48 9.30 11.15 -2.19
C HIS B 48 10.33 10.04 -2.12
N GLY B 49 11.35 10.15 -2.97
CA GLY B 49 12.41 9.16 -3.01
C GLY B 49 13.67 9.71 -3.63
N LEU B 50 14.78 9.01 -3.38
CA LEU B 50 16.06 9.34 -3.97
C LEU B 50 16.39 8.37 -5.10
N GLN B 51 16.75 7.14 -4.75
CA GLN B 51 17.13 6.12 -5.72
C GLN B 51 16.23 4.90 -5.67
N GLN B 52 15.97 4.37 -4.48
CA GLN B 52 15.23 3.14 -4.33
C GLN B 52 13.73 3.40 -4.42
N ASN B 53 13.00 2.37 -4.85
CA ASN B 53 11.55 2.40 -4.79
C ASN B 53 11.09 2.67 -3.37
N THR B 54 9.92 3.29 -3.25
CA THR B 54 9.44 3.74 -1.95
C THR B 54 7.95 3.42 -1.85
N THR B 55 7.51 3.01 -0.66
CA THR B 55 6.13 2.61 -0.45
C THR B 55 5.64 3.17 0.86
N ASN B 56 4.41 3.67 0.86
CA ASN B 56 3.70 4.07 2.07
C ASN B 56 2.22 3.77 1.85
N SER B 57 1.37 4.27 2.76
CA SER B 57 -0.05 3.96 2.68
C SER B 57 -0.74 4.68 1.55
N MET B 58 -0.16 5.78 1.05
CA MET B 58 -0.82 6.54 0.01
C MET B 58 -0.45 6.07 -1.39
N ALA B 59 0.79 5.61 -1.60
CA ALA B 59 1.19 5.31 -2.96
C ALA B 59 2.46 4.47 -2.93
N PHE B 60 2.77 3.91 -4.10
CA PHE B 60 4.07 3.29 -4.35
C PHE B 60 4.82 4.18 -5.32
N LEU B 61 6.11 4.42 -5.08
CA LEU B 61 6.95 5.22 -5.97
C LEU B 61 8.05 4.35 -6.58
N ALA B 62 7.99 4.19 -7.89
CA ALA B 62 8.99 3.43 -8.65
C ALA B 62 9.91 4.42 -9.35
N ILE B 63 11.21 4.30 -9.09
CA ILE B 63 12.24 5.16 -9.67
C ILE B 63 13.06 4.33 -10.66
N ALA B 64 13.24 4.84 -11.88
CA ALA B 64 14.10 4.14 -12.83
C ALA B 64 15.51 4.01 -12.28
N SER B 65 16.20 2.96 -12.73
CA SER B 65 17.55 2.69 -12.22
C SER B 65 18.49 3.86 -12.53
N ASP B 66 18.33 4.51 -13.67
CA ASP B 66 19.12 5.68 -14.00
C ASP B 66 18.53 6.98 -13.44
N ARG B 67 17.44 6.90 -12.67
CA ARG B 67 16.76 8.04 -12.04
C ARG B 67 16.17 9.03 -13.03
N LYS B 68 16.15 8.74 -14.32
CA LYS B 68 15.67 9.70 -15.31
C LYS B 68 14.16 9.67 -15.51
N SER B 69 13.44 8.79 -14.82
CA SER B 69 11.98 8.73 -14.91
C SER B 69 11.45 8.09 -13.64
N SER B 70 10.13 8.20 -13.46
CA SER B 70 9.47 7.93 -12.19
C SER B 70 8.05 7.46 -12.47
N THR B 71 7.46 6.75 -11.52
CA THR B 71 6.07 6.34 -11.65
C THR B 71 5.43 6.33 -10.28
N LEU B 72 4.37 7.13 -10.13
CA LEU B 72 3.53 7.08 -8.93
C LEU B 72 2.44 6.05 -9.19
N ILE B 73 2.34 5.06 -8.32
CA ILE B 73 1.42 3.95 -8.51
C ILE B 73 0.36 3.99 -7.42
N LEU B 74 -0.90 4.11 -7.83
CA LEU B 74 -2.04 4.14 -6.93
C LEU B 74 -2.82 2.84 -7.08
N THR B 75 -3.00 2.13 -5.98
CA THR B 75 -3.63 0.82 -6.00
C THR B 75 -5.14 0.95 -5.84
N HIS B 76 -5.88 0.36 -6.78
CA HIS B 76 -7.33 0.23 -6.70
C HIS B 76 -7.97 1.58 -6.37
N VAL B 77 -7.91 2.47 -7.35
CA VAL B 77 -8.31 3.85 -7.12
C VAL B 77 -9.81 3.91 -6.89
N SER B 78 -10.21 4.77 -5.96
CA SER B 78 -11.59 5.14 -5.74
C SER B 78 -11.78 6.56 -6.23
N LEU B 79 -13.03 7.04 -6.15
CA LEU B 79 -13.35 8.36 -6.67
C LEU B 79 -12.57 9.45 -5.95
N ARG B 80 -12.34 9.28 -4.65
CA ARG B 80 -11.60 10.28 -3.88
C ARG B 80 -10.15 10.45 -4.34
N ASP B 81 -9.65 9.56 -5.21
CA ASP B 81 -8.29 9.68 -5.71
C ASP B 81 -8.18 10.60 -6.93
N ALA B 82 -9.30 11.05 -7.49
CA ALA B 82 -9.25 12.03 -8.57
C ALA B 82 -8.68 13.34 -8.05
N ALA B 83 -7.66 13.85 -8.73
CA ALA B 83 -6.89 14.98 -8.21
C ALA B 83 -5.84 15.37 -9.24
N VAL B 84 -5.17 16.49 -8.99
CA VAL B 84 -3.98 16.84 -9.76
C VAL B 84 -2.77 16.35 -8.99
N TYR B 85 -1.96 15.51 -9.63
CA TYR B 85 -0.75 14.96 -9.03
C TYR B 85 0.47 15.67 -9.60
N HIS B 86 1.25 16.29 -8.72
CA HIS B 86 2.44 17.04 -9.12
C HIS B 86 3.70 16.24 -8.82
N CYS B 87 4.48 15.98 -9.86
CA CYS B 87 5.80 15.39 -9.71
C CYS B 87 6.85 16.48 -9.92
N ILE B 88 7.62 16.77 -8.87
CA ILE B 88 8.63 17.83 -8.93
C ILE B 88 9.93 17.35 -8.29
N LEU B 89 11.01 18.00 -8.66
CA LEU B 89 12.30 17.75 -8.03
C LEU B 89 12.52 18.79 -6.93
N GLN B 90 13.03 18.34 -5.79
CA GLN B 90 13.35 19.25 -4.71
C GLN B 90 14.84 19.12 -4.38
N GLY B 91 15.48 20.24 -4.07
CA GLY B 91 16.90 20.22 -3.81
C GLY B 91 17.64 21.37 -4.44
N THR B 92 18.89 21.53 -4.05
CA THR B 92 19.79 22.59 -4.49
C THR B 92 19.25 23.99 -4.13
N GLY B 93 18.24 24.06 -3.27
CA GLY B 93 17.61 25.31 -2.92
C GLY B 93 16.72 25.92 -3.99
N SER B 94 16.60 25.25 -5.15
CA SER B 94 15.84 25.79 -6.26
C SER B 94 14.35 25.75 -5.92
N LYS B 95 13.73 26.92 -5.83
CA LYS B 95 12.32 27.06 -5.53
C LYS B 95 11.60 27.50 -6.80
N LEU B 96 10.89 26.58 -7.42
CA LEU B 96 10.24 26.81 -8.70
C LEU B 96 8.74 26.60 -8.57
N SER B 97 8.02 26.96 -9.62
CA SER B 97 6.60 26.64 -9.71
C SER B 97 6.39 25.14 -9.79
N PHE B 98 5.22 24.70 -9.32
CA PHE B 98 4.86 23.30 -9.45
C PHE B 98 4.48 22.95 -10.89
N GLY B 99 3.90 23.88 -11.61
CA GLY B 99 3.44 23.60 -12.96
C GLY B 99 2.04 23.01 -12.95
N LYS B 100 1.71 22.30 -14.03
CA LYS B 100 0.36 21.80 -14.22
C LYS B 100 0.13 20.43 -13.62
N GLY B 101 1.16 19.59 -13.55
CA GLY B 101 0.95 18.26 -13.03
C GLY B 101 0.08 17.43 -13.95
N ALA B 102 -0.50 16.38 -13.37
CA ALA B 102 -1.31 15.42 -14.10
C ALA B 102 -2.70 15.36 -13.48
N LYS B 103 -3.72 15.62 -14.28
CA LYS B 103 -5.09 15.59 -13.80
C LYS B 103 -5.64 14.17 -13.94
N LEU B 104 -5.83 13.51 -12.81
CA LEU B 104 -6.37 12.15 -12.77
C LEU B 104 -7.87 12.21 -12.50
N THR B 105 -8.64 11.70 -13.46
CA THR B 105 -10.07 11.47 -13.30
C THR B 105 -10.33 10.00 -13.02
N VAL B 106 -11.27 9.73 -12.13
CA VAL B 106 -11.65 8.39 -11.75
C VAL B 106 -13.14 8.24 -11.99
N SER B 107 -13.50 7.48 -13.02
CA SER B 107 -14.88 7.20 -13.36
C SER B 107 -15.41 6.02 -12.54
N PRO B 108 -16.69 6.00 -12.25
CA PRO B 108 -17.29 4.86 -11.55
C PRO B 108 -17.41 3.66 -12.46
N ASP B 109 -17.38 2.48 -11.86
CA ASP B 109 -17.57 1.22 -12.59
C ASP B 109 -19.06 0.91 -12.56
N ILE B 110 -19.75 1.23 -13.65
CA ILE B 110 -21.21 1.11 -13.71
C ILE B 110 -21.49 -0.20 -14.44
N GLN B 111 -21.67 -1.27 -13.67
CA GLN B 111 -21.93 -2.58 -14.26
C GLN B 111 -23.41 -2.90 -14.39
N ASN B 112 -24.29 -2.03 -13.89
CA ASN B 112 -25.73 -2.14 -14.07
C ASN B 112 -26.27 -0.85 -14.66
N PRO B 113 -25.94 -0.56 -15.91
CA PRO B 113 -26.35 0.73 -16.50
C PRO B 113 -27.83 0.73 -16.83
N ASP B 114 -28.53 1.77 -16.36
CA ASP B 114 -29.96 1.93 -16.59
C ASP B 114 -30.24 3.33 -17.13
N PRO B 115 -29.71 3.65 -18.32
CA PRO B 115 -29.78 5.04 -18.81
C PRO B 115 -31.23 5.48 -19.00
N ALA B 116 -31.51 6.70 -18.56
CA ALA B 116 -32.84 7.29 -18.67
C ALA B 116 -32.71 8.80 -18.73
N VAL B 117 -33.78 9.45 -19.19
CA VAL B 117 -33.87 10.91 -19.21
C VAL B 117 -35.17 11.30 -18.55
N TYR B 118 -35.10 11.90 -17.38
CA TYR B 118 -36.28 12.29 -16.62
C TYR B 118 -36.52 13.78 -16.72
N GLN B 119 -37.73 14.20 -16.37
CA GLN B 119 -38.08 15.60 -16.29
C GLN B 119 -38.46 15.93 -14.86
N LEU B 120 -37.83 16.95 -14.31
CA LEU B 120 -38.02 17.36 -12.94
C LEU B 120 -38.52 18.80 -12.91
N ARG B 121 -39.40 19.11 -11.98
CA ARG B 121 -40.07 20.40 -11.99
C ARG B 121 -39.77 21.16 -10.71
N ASP B 122 -39.79 22.49 -10.83
CA ASP B 122 -39.42 23.37 -9.73
C ASP B 122 -40.31 23.13 -8.51
N SER B 123 -39.68 23.07 -7.33
CA SER B 123 -40.43 22.88 -6.09
C SER B 123 -41.38 24.05 -5.87
N LYS B 124 -41.01 25.24 -6.33
CA LYS B 124 -41.88 26.40 -6.35
C LYS B 124 -42.39 26.57 -7.78
N SER B 125 -43.61 27.08 -7.92
CA SER B 125 -44.21 27.20 -9.24
C SER B 125 -43.82 28.54 -9.86
N SER B 126 -43.79 28.65 -11.20
CA SER B 126 -44.20 27.60 -12.14
C SER B 126 -43.38 27.65 -13.42
N ASP B 127 -43.85 26.91 -14.43
CA ASP B 127 -43.27 26.85 -15.77
C ASP B 127 -41.86 26.27 -15.86
N LYS B 128 -41.12 26.16 -14.76
CA LYS B 128 -39.70 25.81 -14.86
C LYS B 128 -39.45 24.35 -14.53
N SER B 129 -38.61 23.73 -15.34
CA SER B 129 -38.29 22.31 -15.21
C SER B 129 -36.92 22.07 -15.84
N VAL B 130 -36.31 20.94 -15.47
CA VAL B 130 -35.03 20.53 -16.04
C VAL B 130 -35.15 19.09 -16.52
N CYS B 131 -34.26 18.72 -17.44
CA CYS B 131 -34.14 17.36 -17.93
C CYS B 131 -32.86 16.74 -17.35
N LEU B 132 -32.98 15.52 -16.83
CA LEU B 132 -31.87 14.87 -16.16
C LEU B 132 -31.54 13.57 -16.88
N PHE B 133 -30.36 13.52 -17.50
CA PHE B 133 -29.80 12.30 -18.07
C PHE B 133 -28.97 11.59 -17.01
N THR B 134 -29.40 10.39 -16.61
CA THR B 134 -28.79 9.75 -15.46
C THR B 134 -28.63 8.25 -15.68
N ASP B 135 -27.79 7.65 -14.83
CA ASP B 135 -27.58 6.22 -14.71
C ASP B 135 -26.98 5.58 -15.96
N PHE B 136 -26.35 6.36 -16.82
CA PHE B 136 -25.60 5.78 -17.93
C PHE B 136 -24.23 5.32 -17.45
N ASP B 137 -23.57 4.52 -18.29
CA ASP B 137 -22.24 4.02 -17.94
C ASP B 137 -21.17 5.05 -18.32
N SER B 138 -19.99 4.87 -17.73
CA SER B 138 -18.92 5.87 -17.82
C SER B 138 -18.35 6.01 -19.21
N GLN B 139 -18.64 5.09 -20.13
CA GLN B 139 -18.18 5.25 -21.51
C GLN B 139 -19.12 6.12 -22.32
N THR B 140 -20.29 6.46 -21.81
CA THR B 140 -21.14 7.46 -22.44
C THR B 140 -20.56 8.83 -22.19
N ASN B 141 -20.38 9.60 -23.26
CA ASN B 141 -19.83 10.95 -23.18
C ASN B 141 -20.91 11.96 -23.55
N VAL B 142 -21.10 12.96 -22.69
CA VAL B 142 -22.13 13.98 -22.88
C VAL B 142 -21.52 15.15 -23.64
N SER B 143 -22.11 15.50 -24.77
CA SER B 143 -21.65 16.59 -25.60
C SER B 143 -22.36 17.88 -25.25
N GLN B 144 -21.76 19.00 -25.64
CA GLN B 144 -22.35 20.29 -25.37
C GLN B 144 -23.46 20.59 -26.38
N SER B 145 -24.34 21.51 -25.99
CA SER B 145 -25.46 21.87 -26.85
C SER B 145 -24.99 22.72 -28.02
N LYS B 146 -25.57 22.46 -29.19
CA LYS B 146 -25.28 23.26 -30.36
C LYS B 146 -26.12 24.52 -30.43
N ASP B 147 -27.28 24.54 -29.77
CA ASP B 147 -28.04 25.75 -29.59
C ASP B 147 -27.49 26.52 -28.40
N SER B 148 -27.27 27.81 -28.57
CA SER B 148 -26.63 28.60 -27.53
C SER B 148 -27.60 29.01 -26.43
N ASP B 149 -28.90 28.77 -26.61
CA ASP B 149 -29.89 29.05 -25.58
C ASP B 149 -30.36 27.79 -24.88
N VAL B 150 -29.60 26.71 -25.00
CA VAL B 150 -29.81 25.49 -24.23
C VAL B 150 -28.50 25.18 -23.52
N TYR B 151 -28.59 24.97 -22.21
CA TYR B 151 -27.42 24.76 -21.37
C TYR B 151 -27.40 23.32 -20.90
N ILE B 152 -26.28 22.63 -21.11
CA ILE B 152 -26.11 21.27 -20.63
C ILE B 152 -24.76 21.16 -19.91
N THR B 153 -24.77 20.54 -18.75
CA THR B 153 -23.57 20.33 -17.96
C THR B 153 -22.99 18.96 -18.24
N ASP B 154 -21.67 18.83 -18.08
CA ASP B 154 -21.00 17.58 -18.35
C ASP B 154 -21.33 16.55 -17.28
N LYS B 155 -20.95 15.29 -17.55
CA LYS B 155 -21.29 14.21 -16.64
C LYS B 155 -20.59 14.38 -15.30
N CYS B 156 -21.26 13.95 -14.26
CA CYS B 156 -20.77 14.13 -12.90
C CYS B 156 -21.26 12.94 -12.08
N VAL B 157 -20.43 12.49 -11.15
CA VAL B 157 -20.62 11.25 -10.42
C VAL B 157 -21.03 11.54 -9.00
N LEU B 158 -22.11 10.93 -8.54
CA LEU B 158 -22.47 10.97 -7.13
C LEU B 158 -22.36 9.57 -6.53
N ASP B 159 -22.10 9.52 -5.24
CA ASP B 159 -21.79 8.28 -4.52
C ASP B 159 -22.67 8.25 -3.27
N MET B 160 -23.73 7.44 -3.31
CA MET B 160 -24.55 7.25 -2.12
C MET B 160 -23.88 6.15 -1.30
N ARG B 161 -23.14 6.58 -0.30
CA ARG B 161 -22.21 5.68 0.38
C ARG B 161 -22.94 4.64 1.21
N SER B 162 -24.03 5.03 1.88
CA SER B 162 -24.76 4.07 2.70
C SER B 162 -25.27 2.92 1.86
N MET B 163 -25.69 3.20 0.63
CA MET B 163 -26.28 2.19 -0.22
C MET B 163 -25.27 1.55 -1.16
N ASP B 164 -24.00 1.95 -1.09
CA ASP B 164 -22.93 1.37 -1.92
C ASP B 164 -23.27 1.47 -3.41
N PHE B 165 -23.63 2.67 -3.84
CA PHE B 165 -24.18 2.86 -5.17
C PHE B 165 -23.68 4.18 -5.73
N LYS B 166 -23.22 4.14 -6.98
CA LYS B 166 -22.72 5.32 -7.67
C LYS B 166 -23.44 5.46 -9.00
N SER B 167 -23.57 6.69 -9.48
CA SER B 167 -24.26 6.93 -10.74
C SER B 167 -23.78 8.24 -11.33
N ASN B 168 -23.85 8.32 -12.66
CA ASN B 168 -23.52 9.51 -13.43
C ASN B 168 -24.80 10.27 -13.76
N SER B 169 -24.62 11.57 -14.07
CA SER B 169 -25.75 12.39 -14.48
C SER B 169 -25.23 13.63 -15.18
N ALA B 170 -26.06 14.14 -16.11
CA ALA B 170 -25.84 15.43 -16.75
C ALA B 170 -27.18 16.15 -16.82
N VAL B 171 -27.17 17.46 -16.62
CA VAL B 171 -28.39 18.24 -16.51
C VAL B 171 -28.48 19.18 -17.70
N ALA B 172 -29.69 19.27 -18.27
CA ALA B 172 -29.98 20.18 -19.38
C ALA B 172 -31.22 20.99 -19.04
N TRP B 173 -31.21 22.26 -19.43
CA TRP B 173 -32.34 23.14 -19.17
C TRP B 173 -32.35 24.26 -20.19
N SER B 174 -33.52 24.87 -20.37
CA SER B 174 -33.68 25.97 -21.32
C SER B 174 -35.01 26.65 -21.09
N ASN B 175 -35.10 27.88 -21.58
CA ASN B 175 -36.35 28.63 -21.62
C ASN B 175 -36.94 28.68 -23.03
N LYS B 176 -36.35 27.95 -23.97
CA LYS B 176 -36.85 27.96 -25.33
C LYS B 176 -38.16 27.19 -25.42
N SER B 177 -39.04 27.65 -26.30
CA SER B 177 -40.37 27.04 -26.45
C SER B 177 -40.28 25.60 -26.93
N ASP B 178 -39.37 25.34 -27.86
CA ASP B 178 -39.26 24.03 -28.50
C ASP B 178 -38.34 23.06 -27.76
N PHE B 179 -37.98 23.36 -26.52
CA PHE B 179 -37.09 22.50 -25.75
C PHE B 179 -37.92 21.47 -24.98
N ALA B 180 -37.54 20.20 -25.10
CA ALA B 180 -38.18 19.13 -24.36
C ALA B 180 -37.15 18.07 -24.04
N CYS B 181 -37.49 17.23 -23.06
CA CYS B 181 -36.52 16.25 -22.56
C CYS B 181 -36.19 15.21 -23.63
N ALA B 182 -37.17 14.81 -24.43
CA ALA B 182 -36.91 13.88 -25.52
C ALA B 182 -35.91 14.42 -26.53
N ASN B 183 -35.69 15.73 -26.54
CA ASN B 183 -34.77 16.37 -27.47
C ASN B 183 -33.55 16.99 -26.80
N ALA B 184 -33.49 17.02 -25.46
CA ALA B 184 -32.44 17.77 -24.78
C ALA B 184 -31.05 17.31 -25.17
N PHE B 185 -30.79 16.00 -25.11
CA PHE B 185 -29.47 15.44 -25.30
C PHE B 185 -29.28 14.82 -26.69
N ASN B 186 -29.99 15.32 -27.69
CA ASN B 186 -29.91 14.72 -29.02
C ASN B 186 -28.51 14.84 -29.63
N ASN B 187 -27.75 15.87 -29.27
CA ASN B 187 -26.41 16.01 -29.82
C ASN B 187 -25.39 15.16 -29.08
N SER B 188 -25.84 14.29 -28.16
CA SER B 188 -24.99 13.37 -27.46
C SER B 188 -25.32 11.94 -27.88
N ILE B 189 -24.29 11.11 -28.05
CA ILE B 189 -24.50 9.71 -28.37
C ILE B 189 -24.98 9.00 -27.11
N ILE B 190 -26.22 8.54 -27.14
CA ILE B 190 -26.88 7.99 -25.96
C ILE B 190 -27.17 6.51 -26.16
N PRO B 191 -27.06 5.69 -25.10
CA PRO B 191 -27.50 4.29 -25.20
C PRO B 191 -28.85 4.17 -25.88
N GLU B 192 -28.97 3.23 -26.83
CA GLU B 192 -30.22 3.08 -27.56
C GLU B 192 -31.31 2.44 -26.73
N ASP B 193 -31.00 1.98 -25.52
CA ASP B 193 -31.98 1.50 -24.57
C ASP B 193 -32.32 2.55 -23.51
N THR B 194 -32.17 3.82 -23.85
CA THR B 194 -32.40 4.89 -22.89
C THR B 194 -33.89 5.05 -22.61
N PHE B 195 -34.27 4.89 -21.34
CA PHE B 195 -35.66 4.98 -20.93
C PHE B 195 -36.15 6.43 -21.04
N PHE B 196 -37.22 6.63 -21.80
CA PHE B 196 -37.86 7.94 -21.92
C PHE B 196 -39.29 7.86 -21.40
N PRO B 197 -39.58 8.43 -20.23
CA PRO B 197 -40.95 8.40 -19.71
C PRO B 197 -41.95 9.16 -20.58
N SER B 198 -43.14 9.39 -20.04
CA SER B 198 -44.26 10.01 -20.76
C SER B 198 -44.74 9.09 -21.87
N ALA C 1 0.51 23.86 11.45
CA ALA C 1 -0.63 24.34 10.68
C ALA C 1 -0.31 25.63 9.93
N VAL C 2 -0.86 25.76 8.72
CA VAL C 2 -0.71 26.95 7.90
C VAL C 2 -2.11 27.52 7.70
N THR C 3 -2.31 28.76 8.12
CA THR C 3 -3.61 29.41 8.01
C THR C 3 -3.50 30.62 7.09
N GLN C 4 -4.60 30.93 6.41
CA GLN C 4 -4.66 32.01 5.44
C GLN C 4 -5.87 32.88 5.71
N SER C 5 -5.72 34.16 5.44
CA SER C 5 -6.81 35.10 5.67
C SER C 5 -6.68 36.26 4.70
N PRO C 6 -7.79 36.67 4.06
CA PRO C 6 -9.13 36.11 4.19
C PRO C 6 -9.31 34.85 3.34
N ARG C 7 -10.44 34.15 3.49
CA ARG C 7 -10.70 33.02 2.61
C ARG C 7 -11.24 33.46 1.25
N ASN C 8 -11.98 34.56 1.20
CA ASN C 8 -12.53 35.06 -0.04
C ASN C 8 -12.42 36.58 -0.07
N LYS C 9 -12.28 37.14 -1.26
CA LYS C 9 -12.10 38.57 -1.36
C LYS C 9 -12.54 39.04 -2.75
N VAL C 10 -13.36 40.08 -2.78
CA VAL C 10 -13.75 40.72 -4.03
C VAL C 10 -13.42 42.20 -3.92
N THR C 11 -12.79 42.73 -4.96
CA THR C 11 -12.36 44.12 -4.95
C THR C 11 -12.39 44.67 -6.37
N VAL C 12 -12.48 45.97 -6.47
CA VAL C 12 -12.43 46.64 -7.77
C VAL C 12 -10.97 46.87 -8.14
N THR C 13 -10.69 46.93 -9.44
CA THR C 13 -9.34 47.10 -9.92
C THR C 13 -8.73 48.42 -9.41
N GLY C 14 -7.43 48.39 -9.15
CA GLY C 14 -6.73 49.53 -8.62
C GLY C 14 -6.73 49.64 -7.11
N GLY C 15 -7.42 48.76 -6.42
CA GLY C 15 -7.42 48.81 -4.97
C GLY C 15 -6.25 48.05 -4.39
N ASN C 16 -6.12 48.16 -3.09
CA ASN C 16 -5.07 47.54 -2.30
C ASN C 16 -5.59 46.26 -1.65
N VAL C 17 -4.85 45.17 -1.80
CA VAL C 17 -5.25 43.87 -1.27
C VAL C 17 -4.07 43.26 -0.53
N THR C 18 -4.31 42.82 0.71
CA THR C 18 -3.31 42.15 1.54
C THR C 18 -3.78 40.74 1.86
N LEU C 19 -2.97 39.74 1.53
CA LEU C 19 -3.22 38.35 1.94
C LEU C 19 -2.27 37.98 3.06
N SER C 20 -2.81 37.31 4.07
CA SER C 20 -2.09 36.97 5.27
C SER C 20 -1.91 35.47 5.36
N CYS C 21 -0.69 35.06 5.71
CA CYS C 21 -0.34 33.65 5.92
C CYS C 21 0.35 33.54 7.27
N ARG C 22 -0.05 32.53 8.05
CA ARG C 22 0.60 32.21 9.31
C ARG C 22 0.96 30.74 9.32
N GLN C 23 2.04 30.41 10.01
CA GLN C 23 2.60 29.07 10.00
C GLN C 23 3.11 28.77 11.40
N THR C 24 2.54 27.75 12.04
CA THR C 24 2.96 27.34 13.37
C THR C 24 3.75 26.04 13.35
N ASN C 25 4.54 25.82 12.29
CA ASN C 25 5.33 24.61 12.11
C ASN C 25 6.80 24.82 12.44
N SER C 26 7.21 26.02 12.86
CA SER C 26 8.61 26.36 13.11
C SER C 26 9.46 26.16 11.85
N HIS C 27 8.88 26.37 10.68
CA HIS C 27 9.58 26.20 9.42
C HIS C 27 10.27 27.49 9.02
N ASN C 28 11.35 27.36 8.26
CA ASN C 28 12.07 28.55 7.81
C ASN C 28 11.54 29.08 6.49
N TYR C 29 11.31 28.21 5.52
CA TYR C 29 10.83 28.67 4.21
C TYR C 29 9.32 28.88 4.22
N MET C 30 8.87 29.94 3.56
CA MET C 30 7.47 30.17 3.24
C MET C 30 7.34 30.68 1.81
N TYR C 31 6.19 30.38 1.19
CA TYR C 31 5.96 30.57 -0.23
C TYR C 31 4.56 31.13 -0.47
N TRP C 32 4.43 31.92 -1.55
CA TRP C 32 3.14 32.37 -2.08
C TRP C 32 3.00 31.89 -3.52
N TYR C 33 1.95 31.12 -3.78
CA TYR C 33 1.62 30.59 -5.10
C TYR C 33 0.26 31.09 -5.54
N ARG C 34 0.06 31.09 -6.86
CA ARG C 34 -1.26 31.28 -7.44
C ARG C 34 -1.61 30.07 -8.30
N GLN C 35 -2.90 29.81 -8.37
CA GLN C 35 -3.54 28.67 -9.01
C GLN C 35 -4.54 29.21 -10.01
N ASP C 36 -4.36 28.80 -11.27
CA ASP C 36 -5.19 29.15 -12.40
C ASP C 36 -5.29 27.96 -13.33
N THR C 37 -6.49 27.74 -13.87
CA THR C 37 -6.67 26.67 -14.85
C THR C 37 -5.84 26.95 -16.09
N GLY C 38 -5.14 25.94 -16.57
CA GLY C 38 -4.26 26.07 -17.71
C GLY C 38 -2.81 26.33 -17.37
N HIS C 39 -2.52 26.82 -16.16
CA HIS C 39 -1.15 27.08 -15.76
C HIS C 39 -0.70 26.25 -14.57
N GLY C 40 -1.62 25.68 -13.80
CA GLY C 40 -1.24 24.97 -12.60
C GLY C 40 -0.88 25.91 -11.47
N LEU C 41 0.09 25.51 -10.67
CA LEU C 41 0.47 26.21 -9.45
C LEU C 41 1.81 26.92 -9.68
N ARG C 42 1.79 28.24 -9.75
CA ARG C 42 2.96 29.04 -10.06
C ARG C 42 3.41 29.85 -8.86
N LEU C 43 4.72 29.95 -8.69
CA LEU C 43 5.30 30.59 -7.53
C LEU C 43 5.43 32.10 -7.75
N ILE C 44 5.05 32.87 -6.73
CA ILE C 44 5.06 34.32 -6.81
C ILE C 44 6.27 34.87 -6.06
N HIS C 45 6.37 34.58 -4.76
CA HIS C 45 7.48 35.02 -3.93
C HIS C 45 7.74 33.96 -2.88
N TYR C 46 8.93 33.98 -2.28
CA TYR C 46 9.22 33.11 -1.15
C TYR C 46 10.26 33.75 -0.25
N SER C 47 10.60 33.03 0.83
CA SER C 47 11.38 33.58 1.91
C SER C 47 11.95 32.44 2.75
N TYR C 48 13.23 32.55 3.15
CA TYR C 48 13.83 31.53 3.99
C TYR C 48 13.92 31.95 5.44
N GLY C 49 13.29 33.05 5.81
CA GLY C 49 13.34 33.51 7.19
C GLY C 49 12.90 34.95 7.29
N ALA C 50 12.70 35.37 8.53
CA ALA C 50 12.23 36.72 8.81
C ALA C 50 13.12 37.75 8.14
N GLY C 51 12.49 38.72 7.47
CA GLY C 51 13.20 39.75 6.77
C GLY C 51 13.70 39.37 5.38
N ASN C 52 13.73 38.08 5.05
CA ASN C 52 14.22 37.64 3.75
C ASN C 52 13.08 37.55 2.75
N LEU C 53 13.36 37.97 1.51
CA LEU C 53 12.38 37.92 0.43
C LEU C 53 13.11 37.53 -0.84
N GLN C 54 12.56 36.58 -1.58
CA GLN C 54 13.16 36.13 -2.82
C GLN C 54 12.09 36.04 -3.90
N ILE C 55 12.46 36.49 -5.10
CA ILE C 55 11.53 36.59 -6.20
C ILE C 55 11.21 35.20 -6.74
N GLY C 56 9.94 34.97 -7.05
CA GLY C 56 9.50 33.71 -7.64
C GLY C 56 9.46 33.79 -9.15
N ASP C 57 8.60 32.97 -9.75
CA ASP C 57 8.51 32.89 -11.20
C ASP C 57 7.58 33.96 -11.79
N VAL C 58 6.47 34.28 -11.11
CA VAL C 58 5.54 35.28 -11.66
C VAL C 58 5.33 36.43 -10.68
N PRO C 59 6.36 37.23 -10.38
CA PRO C 59 6.24 38.24 -9.30
C PRO C 59 5.67 39.60 -9.69
N ASP C 60 5.42 39.88 -10.97
CA ASP C 60 4.98 41.21 -11.36
C ASP C 60 3.65 41.56 -10.73
N GLY C 61 3.58 42.72 -10.09
CA GLY C 61 2.38 43.16 -9.46
C GLY C 61 2.18 42.69 -8.05
N TYR C 62 3.13 41.95 -7.48
CA TYR C 62 3.05 41.51 -6.10
C TYR C 62 4.31 41.94 -5.36
N LYS C 63 4.14 42.33 -4.10
CA LYS C 63 5.24 42.43 -3.16
C LYS C 63 4.94 41.49 -2.01
N ALA C 64 5.94 41.18 -1.19
CA ALA C 64 5.70 40.31 -0.06
C ALA C 64 6.53 40.79 1.12
N THR C 65 6.08 40.43 2.32
CA THR C 65 6.76 40.82 3.54
C THR C 65 6.74 39.66 4.51
N ARG C 66 7.93 39.28 5.01
CA ARG C 66 8.10 38.25 6.02
C ARG C 66 8.47 38.95 7.33
N THR C 67 7.46 39.31 8.12
CA THR C 67 7.72 40.11 9.32
C THR C 67 8.32 39.29 10.45
N THR C 68 7.95 38.03 10.56
CA THR C 68 8.44 37.14 11.60
C THR C 68 8.68 35.77 10.97
N GLN C 69 9.05 34.80 11.80
CA GLN C 69 9.17 33.44 11.29
C GLN C 69 7.79 32.84 10.99
N GLU C 70 6.76 33.26 11.70
CA GLU C 70 5.42 32.72 11.48
C GLU C 70 4.65 33.41 10.36
N ASP C 71 4.89 34.68 10.11
CA ASP C 71 3.96 35.48 9.30
C ASP C 71 4.57 35.88 7.98
N PHE C 72 3.77 35.74 6.93
CA PHE C 72 4.18 36.04 5.56
C PHE C 72 2.98 36.67 4.87
N PHE C 73 3.18 37.83 4.25
CA PHE C 73 2.08 38.59 3.66
C PHE C 73 2.34 38.85 2.19
N LEU C 74 1.29 38.73 1.39
CA LEU C 74 1.32 39.02 -0.04
C LEU C 74 0.55 40.31 -0.28
N LEU C 75 1.17 41.29 -0.88
CA LEU C 75 0.59 42.61 -1.07
C LEU C 75 0.39 42.87 -2.56
N LEU C 76 -0.81 43.31 -2.91
CA LEU C 76 -1.20 43.70 -4.25
C LEU C 76 -1.62 45.16 -4.12
N GLU C 77 -0.66 46.07 -4.29
CA GLU C 77 -0.96 47.46 -4.04
C GLU C 77 -1.83 48.08 -5.11
N LEU C 78 -1.82 47.55 -6.32
CA LEU C 78 -2.64 48.05 -7.42
C LEU C 78 -3.24 46.83 -8.12
N ALA C 79 -4.25 46.24 -7.48
CA ALA C 79 -4.83 44.99 -7.96
C ALA C 79 -5.44 45.15 -9.35
N SER C 80 -5.23 44.16 -10.20
CA SER C 80 -5.73 44.21 -11.56
C SER C 80 -6.48 42.92 -11.87
N PRO C 81 -7.36 42.94 -12.88
CA PRO C 81 -8.19 41.76 -13.15
C PRO C 81 -7.41 40.47 -13.38
N SER C 82 -6.21 40.54 -13.96
CA SER C 82 -5.43 39.33 -14.18
C SER C 82 -5.00 38.68 -12.88
N GLN C 83 -5.08 39.38 -11.76
CA GLN C 83 -4.74 38.82 -10.47
C GLN C 83 -5.91 38.12 -9.80
N THR C 84 -7.04 38.01 -10.48
CA THR C 84 -8.08 37.05 -10.08
C THR C 84 -7.50 35.65 -10.10
N SER C 85 -7.50 34.99 -8.96
CA SER C 85 -6.88 33.68 -8.91
C SER C 85 -7.20 33.02 -7.58
N LEU C 86 -6.65 31.82 -7.39
CA LEU C 86 -6.71 31.13 -6.12
C LEU C 86 -5.30 31.09 -5.55
N TYR C 87 -5.10 31.69 -4.38
CA TYR C 87 -3.76 31.89 -3.82
C TYR C 87 -3.53 30.93 -2.66
N PHE C 88 -2.39 30.25 -2.67
CA PHE C 88 -1.98 29.30 -1.64
C PHE C 88 -0.64 29.72 -1.08
N CYS C 89 -0.53 29.82 0.24
CA CYS C 89 0.78 29.93 0.84
C CYS C 89 1.18 28.56 1.36
N ALA C 90 2.47 28.41 1.63
CA ALA C 90 3.01 27.15 2.10
C ALA C 90 4.23 27.40 2.96
N SER C 91 4.57 26.41 3.78
CA SER C 91 5.77 26.45 4.58
C SER C 91 6.57 25.18 4.34
N SER C 92 7.82 25.23 4.75
CA SER C 92 8.74 24.14 4.47
C SER C 92 9.95 24.29 5.36
N ASP C 93 10.49 23.17 5.82
CA ASP C 93 11.81 23.12 6.44
C ASP C 93 12.80 22.82 5.33
N GLY C 94 13.54 23.83 4.88
CA GLY C 94 14.50 23.63 3.81
C GLY C 94 13.87 23.04 2.56
N ASP C 95 14.49 21.98 2.04
CA ASP C 95 14.01 21.33 0.83
C ASP C 95 13.17 20.09 1.13
N TYR C 96 12.64 19.97 2.34
CA TYR C 96 11.75 18.86 2.66
C TYR C 96 10.34 19.15 2.12
N GLU C 97 9.33 18.43 2.61
CA GLU C 97 7.99 18.54 2.03
C GLU C 97 7.31 19.84 2.43
N GLN C 98 6.60 20.43 1.48
CA GLN C 98 5.88 21.67 1.74
C GLN C 98 4.49 21.37 2.30
N TYR C 99 4.07 22.22 3.22
CA TYR C 99 2.74 22.17 3.81
C TYR C 99 1.97 23.41 3.37
N PHE C 100 0.79 23.20 2.79
CA PHE C 100 0.05 24.27 2.14
C PHE C 100 -1.10 24.75 3.01
N GLY C 101 -1.44 26.03 2.85
CA GLY C 101 -2.60 26.61 3.51
C GLY C 101 -3.90 26.27 2.78
N PRO C 102 -5.01 26.74 3.36
CA PRO C 102 -6.33 26.41 2.79
C PRO C 102 -6.72 27.19 1.56
N GLY C 103 -6.05 28.29 1.26
CA GLY C 103 -6.38 28.97 0.02
C GLY C 103 -7.20 30.23 0.26
N THR C 104 -6.97 31.23 -0.59
CA THR C 104 -7.71 32.47 -0.61
C THR C 104 -8.17 32.67 -2.05
N ARG C 105 -9.47 32.78 -2.26
CA ARG C 105 -10.00 33.03 -3.58
C ARG C 105 -10.18 34.54 -3.77
N LEU C 106 -9.52 35.11 -4.76
CA LEU C 106 -9.58 36.55 -4.99
C LEU C 106 -10.12 36.84 -6.37
N THR C 107 -11.15 37.69 -6.43
CA THR C 107 -11.70 38.22 -7.67
C THR C 107 -11.41 39.71 -7.73
N VAL C 108 -10.86 40.17 -8.85
CA VAL C 108 -10.61 41.59 -9.08
C VAL C 108 -11.43 42.00 -10.27
N LEU C 109 -12.33 42.96 -10.08
CA LEU C 109 -13.32 43.35 -11.07
C LEU C 109 -12.95 44.70 -11.66
N GLU C 110 -13.21 44.88 -12.95
CA GLU C 110 -13.02 46.20 -13.53
C GLU C 110 -14.22 47.10 -13.28
N ASP C 111 -15.39 46.54 -12.99
CA ASP C 111 -16.61 47.33 -12.84
C ASP C 111 -17.59 46.59 -11.94
N LEU C 112 -18.05 47.27 -10.89
CA LEU C 112 -18.97 46.61 -9.96
C LEU C 112 -20.42 46.61 -10.43
N LYS C 113 -20.75 47.34 -11.50
CA LYS C 113 -22.10 47.28 -12.05
C LYS C 113 -22.40 45.95 -12.74
N ASN C 114 -21.39 45.10 -12.95
CA ASN C 114 -21.60 43.78 -13.54
C ASN C 114 -21.98 42.73 -12.52
N VAL C 115 -21.96 43.04 -11.23
CA VAL C 115 -22.13 42.04 -10.19
C VAL C 115 -23.60 41.73 -10.00
N PHE C 116 -23.95 40.44 -10.07
CA PHE C 116 -25.31 39.97 -9.86
C PHE C 116 -25.29 38.80 -8.89
N PRO C 117 -26.14 38.80 -7.86
CA PRO C 117 -26.27 37.61 -7.02
C PRO C 117 -26.92 36.49 -7.80
N PRO C 118 -26.81 35.24 -7.34
CA PRO C 118 -27.48 34.16 -8.03
C PRO C 118 -28.95 34.05 -7.67
N GLU C 119 -29.70 33.43 -8.58
CA GLU C 119 -31.02 32.93 -8.29
C GLU C 119 -30.94 31.42 -8.17
N VAL C 120 -31.61 30.87 -7.17
CA VAL C 120 -31.47 29.46 -6.83
C VAL C 120 -32.84 28.80 -6.91
N ALA C 121 -32.92 27.67 -7.62
CA ALA C 121 -34.14 26.90 -7.77
C ALA C 121 -33.85 25.43 -7.58
N VAL C 122 -34.73 24.75 -6.82
CA VAL C 122 -34.64 23.31 -6.60
C VAL C 122 -35.71 22.61 -7.42
N PHE C 123 -35.32 21.52 -8.08
CA PHE C 123 -36.20 20.75 -8.94
C PHE C 123 -36.36 19.36 -8.33
N GLU C 124 -37.62 18.96 -8.15
CA GLU C 124 -37.99 17.81 -7.35
C GLU C 124 -37.91 16.53 -8.17
N PRO C 125 -37.75 15.39 -7.51
CA PRO C 125 -37.54 14.13 -8.23
C PRO C 125 -38.73 13.74 -9.09
N SER C 126 -38.44 13.30 -10.31
CA SER C 126 -39.44 12.79 -11.23
C SER C 126 -40.03 11.48 -10.71
N GLU C 127 -41.36 11.37 -10.75
CA GLU C 127 -42.01 10.16 -10.26
C GLU C 127 -41.68 8.94 -11.11
N ALA C 128 -41.42 9.14 -12.40
CA ALA C 128 -40.95 8.03 -13.24
C ALA C 128 -39.60 7.50 -12.77
N GLU C 129 -38.78 8.35 -12.16
CA GLU C 129 -37.50 7.91 -11.59
C GLU C 129 -37.72 7.19 -10.27
N ILE C 130 -38.62 7.72 -9.44
CA ILE C 130 -38.93 7.07 -8.16
C ILE C 130 -39.50 5.67 -8.40
N SER C 131 -40.25 5.49 -9.48
CA SER C 131 -40.76 4.15 -9.78
C SER C 131 -39.71 3.29 -10.46
N HIS C 132 -39.00 3.85 -11.45
CA HIS C 132 -38.10 3.05 -12.28
C HIS C 132 -36.84 2.63 -11.53
N THR C 133 -36.34 3.45 -10.61
CA THR C 133 -35.08 3.13 -9.93
C THR C 133 -35.19 3.09 -8.42
N GLN C 134 -36.36 3.36 -7.85
CA GLN C 134 -36.54 3.42 -6.39
C GLN C 134 -35.59 4.43 -5.73
N LYS C 135 -35.18 5.45 -6.49
CA LYS C 135 -34.38 6.53 -5.95
C LYS C 135 -34.90 7.86 -6.48
N ALA C 136 -34.48 8.94 -5.83
CA ALA C 136 -35.01 10.26 -6.08
C ALA C 136 -33.87 11.26 -6.18
N THR C 137 -33.78 11.98 -7.30
CA THR C 137 -32.75 12.98 -7.52
C THR C 137 -33.35 14.38 -7.46
N LEU C 138 -32.80 15.20 -6.58
CA LEU C 138 -33.06 16.63 -6.58
C LEU C 138 -31.98 17.34 -7.38
N VAL C 139 -32.38 18.31 -8.19
CA VAL C 139 -31.44 19.08 -8.99
C VAL C 139 -31.49 20.52 -8.51
N CYS C 140 -30.32 21.12 -8.30
CA CYS C 140 -30.27 22.52 -7.94
C CYS C 140 -29.67 23.33 -9.07
N LEU C 141 -30.22 24.52 -9.30
CA LEU C 141 -29.76 25.43 -10.34
C LEU C 141 -29.49 26.78 -9.71
N ALA C 142 -28.26 27.26 -9.87
CA ALA C 142 -27.87 28.61 -9.49
C ALA C 142 -27.55 29.36 -10.79
N THR C 143 -28.33 30.38 -11.09
CA THR C 143 -28.28 31.03 -12.39
C THR C 143 -28.06 32.52 -12.22
N GLY C 144 -27.45 33.13 -13.24
CA GLY C 144 -27.38 34.57 -13.34
C GLY C 144 -26.46 35.27 -12.36
N PHE C 145 -25.44 34.59 -11.86
CA PHE C 145 -24.56 35.23 -10.89
C PHE C 145 -23.26 35.70 -11.55
N TYR C 146 -22.77 36.82 -11.04
CA TYR C 146 -21.48 37.36 -11.43
C TYR C 146 -20.92 38.11 -10.22
N PRO C 147 -19.64 37.91 -9.90
CA PRO C 147 -18.67 37.07 -10.59
C PRO C 147 -18.83 35.60 -10.31
N ASP C 148 -17.99 34.79 -10.94
CA ASP C 148 -17.91 33.36 -10.68
C ASP C 148 -17.18 33.17 -9.36
N HIS C 149 -17.94 33.21 -8.27
CA HIS C 149 -17.37 33.17 -6.94
C HIS C 149 -18.45 32.72 -5.95
N VAL C 150 -18.80 31.42 -5.99
CA VAL C 150 -19.89 30.88 -5.19
C VAL C 150 -19.45 29.55 -4.57
N GLU C 151 -20.24 29.10 -3.60
CA GLU C 151 -20.05 27.77 -3.00
C GLU C 151 -21.44 27.19 -2.80
N LEU C 152 -21.68 26.01 -3.34
CA LEU C 152 -22.99 25.37 -3.30
C LEU C 152 -22.94 24.17 -2.36
N SER C 153 -23.93 24.07 -1.47
CA SER C 153 -23.98 23.02 -0.46
C SER C 153 -25.42 22.56 -0.23
N TRP C 154 -25.59 21.27 0.03
CA TRP C 154 -26.90 20.68 0.28
C TRP C 154 -27.13 20.46 1.77
N TRP C 155 -28.36 20.67 2.22
CA TRP C 155 -28.72 20.56 3.63
C TRP C 155 -30.00 19.75 3.77
N VAL C 156 -29.89 18.60 4.44
CA VAL C 156 -31.02 17.73 4.72
C VAL C 156 -31.36 17.88 6.19
N ASN C 157 -32.62 18.16 6.50
CA ASN C 157 -33.07 18.35 7.87
C ASN C 157 -32.14 19.29 8.64
N GLY C 158 -31.69 20.33 7.96
CA GLY C 158 -30.92 21.36 8.61
C GLY C 158 -29.46 21.05 8.81
N LYS C 159 -28.93 19.97 8.25
CA LYS C 159 -27.49 19.72 8.35
C LYS C 159 -26.94 19.33 6.98
N GLU C 160 -25.71 19.78 6.70
CA GLU C 160 -25.13 19.63 5.38
C GLU C 160 -24.77 18.18 5.09
N VAL C 161 -25.02 17.75 3.86
CA VAL C 161 -24.75 16.38 3.45
C VAL C 161 -23.73 16.38 2.34
N HIS C 162 -22.99 15.26 2.22
CA HIS C 162 -22.03 15.10 1.14
C HIS C 162 -22.28 13.81 0.39
N SER C 163 -22.80 12.80 1.08
CA SER C 163 -23.17 11.56 0.42
C SER C 163 -24.27 11.82 -0.60
N GLY C 164 -24.16 11.18 -1.76
CA GLY C 164 -25.13 11.32 -2.83
C GLY C 164 -25.10 12.63 -3.57
N VAL C 165 -24.20 13.54 -3.23
CA VAL C 165 -24.14 14.86 -3.84
C VAL C 165 -23.09 14.87 -4.95
N CYS C 166 -23.38 15.60 -6.03
CA CYS C 166 -22.35 15.93 -6.99
C CYS C 166 -22.70 17.29 -7.60
N THR C 167 -21.70 18.16 -7.69
CA THR C 167 -21.83 19.52 -8.21
C THR C 167 -20.90 19.67 -9.41
N ASP C 168 -21.28 20.53 -10.36
CA ASP C 168 -20.42 20.77 -11.51
C ASP C 168 -19.08 21.34 -11.06
N PRO C 169 -17.97 20.88 -11.64
CA PRO C 169 -16.66 21.35 -11.19
C PRO C 169 -16.43 22.82 -11.43
N GLN C 170 -16.96 23.38 -12.53
CA GLN C 170 -16.93 24.81 -12.78
C GLN C 170 -18.27 25.24 -13.36
N PRO C 171 -18.67 26.49 -13.12
CA PRO C 171 -19.88 27.00 -13.78
C PRO C 171 -19.66 27.16 -15.27
N LEU C 172 -20.78 27.36 -15.97
CA LEU C 172 -20.77 27.65 -17.40
C LEU C 172 -21.23 29.07 -17.64
N LYS C 173 -20.77 29.66 -18.74
CA LYS C 173 -21.18 31.01 -19.12
C LYS C 173 -22.54 30.97 -19.80
N GLU C 174 -23.49 31.76 -19.28
CA GLU C 174 -24.80 31.87 -19.92
C GLU C 174 -24.73 32.57 -21.26
N GLN C 175 -23.70 33.38 -21.49
CA GLN C 175 -23.53 34.12 -22.74
C GLN C 175 -22.07 34.03 -23.13
N PRO C 176 -21.62 32.86 -23.63
CA PRO C 176 -20.18 32.67 -23.85
C PRO C 176 -19.55 33.69 -24.78
N ALA C 177 -20.34 34.41 -25.56
CA ALA C 177 -19.85 35.43 -26.47
C ALA C 177 -19.65 36.79 -25.80
N LEU C 178 -19.70 36.86 -24.48
CA LEU C 178 -19.49 38.13 -23.78
C LEU C 178 -18.49 37.99 -22.65
N ASN C 179 -17.57 38.97 -22.60
CA ASN C 179 -16.57 39.02 -21.56
C ASN C 179 -17.18 39.32 -20.19
N ASP C 180 -18.39 39.84 -20.15
CA ASP C 180 -19.09 40.16 -18.92
C ASP C 180 -20.15 39.13 -18.56
N SER C 181 -20.16 37.98 -19.23
CA SER C 181 -21.23 37.00 -19.09
C SER C 181 -21.42 36.59 -17.65
N ARG C 182 -22.68 36.30 -17.30
CA ARG C 182 -22.98 35.69 -16.02
C ARG C 182 -22.88 34.18 -16.13
N TYR C 183 -22.97 33.52 -14.99
CA TYR C 183 -22.69 32.10 -14.87
C TYR C 183 -23.90 31.35 -14.33
N ALA C 184 -23.87 30.03 -14.54
CA ALA C 184 -24.86 29.11 -13.98
C ALA C 184 -24.15 27.84 -13.54
N LEU C 185 -24.73 27.17 -12.55
CA LEU C 185 -24.13 25.99 -11.93
C LEU C 185 -25.24 25.05 -11.52
N SER C 186 -25.06 23.76 -11.76
CA SER C 186 -26.05 22.75 -11.40
C SER C 186 -25.45 21.79 -10.38
N SER C 187 -26.32 21.22 -9.55
CA SER C 187 -25.92 20.21 -8.59
C SER C 187 -27.02 19.16 -8.52
N ARG C 188 -26.68 17.99 -7.98
CA ARG C 188 -27.65 16.92 -7.80
C ARG C 188 -27.44 16.31 -6.43
N LEU C 189 -28.55 15.92 -5.81
CA LEU C 189 -28.57 15.19 -4.54
C LEU C 189 -29.55 14.05 -4.68
N ARG C 190 -29.06 12.81 -4.63
CA ARG C 190 -29.92 11.64 -4.77
C ARG C 190 -30.04 10.91 -3.44
N VAL C 191 -31.28 10.54 -3.09
CA VAL C 191 -31.63 9.81 -1.89
C VAL C 191 -32.47 8.60 -2.30
N SER C 192 -32.80 7.77 -1.32
CA SER C 192 -33.71 6.66 -1.55
C SER C 192 -35.14 7.17 -1.66
N ALA C 193 -35.93 6.47 -2.49
CA ALA C 193 -37.35 6.84 -2.63
C ALA C 193 -38.04 6.85 -1.26
N THR C 194 -37.71 5.89 -0.41
CA THR C 194 -38.24 5.89 0.96
C THR C 194 -37.91 7.19 1.68
N PHE C 195 -36.69 7.69 1.52
CA PHE C 195 -36.31 8.93 2.19
C PHE C 195 -37.02 10.13 1.57
N TRP C 196 -37.20 10.14 0.26
CA TRP C 196 -37.89 11.25 -0.39
C TRP C 196 -39.37 11.27 -0.03
N GLN C 197 -40.00 10.11 0.14
CA GLN C 197 -41.45 10.08 0.36
C GLN C 197 -41.83 10.31 1.82
N ASN C 198 -40.87 10.43 2.72
CA ASN C 198 -41.16 10.87 4.07
C ASN C 198 -41.40 12.37 4.09
N PRO C 199 -42.59 12.85 4.45
CA PRO C 199 -42.85 14.29 4.41
C PRO C 199 -42.23 15.08 5.56
N ARG C 200 -41.48 14.45 6.46
CA ARG C 200 -40.78 15.17 7.52
C ARG C 200 -39.33 15.48 7.15
N ASN C 201 -38.90 15.10 5.96
CA ASN C 201 -37.56 15.38 5.48
C ASN C 201 -37.56 16.70 4.73
N HIS C 202 -36.69 17.61 5.16
CA HIS C 202 -36.52 18.93 4.58
C HIS C 202 -35.21 18.98 3.80
N PHE C 203 -35.26 19.58 2.61
CA PHE C 203 -34.11 19.68 1.71
C PHE C 203 -33.87 21.13 1.34
N ARG C 204 -32.61 21.56 1.35
CA ARG C 204 -32.28 22.95 1.02
C ARG C 204 -30.98 22.99 0.25
N CYS C 205 -31.03 23.55 -0.95
CA CYS C 205 -29.84 23.89 -1.73
C CYS C 205 -29.42 25.32 -1.39
N GLN C 206 -28.17 25.47 -0.94
CA GLN C 206 -27.65 26.73 -0.47
C GLN C 206 -26.50 27.18 -1.36
N VAL C 207 -26.54 28.43 -1.80
CA VAL C 207 -25.47 29.02 -2.60
C VAL C 207 -24.95 30.24 -1.87
N GLN C 208 -23.72 30.12 -1.36
CA GLN C 208 -22.97 31.25 -0.83
C GLN C 208 -22.34 32.03 -1.97
N PHE C 209 -22.55 33.34 -1.97
CA PHE C 209 -22.13 34.22 -3.04
C PHE C 209 -21.28 35.33 -2.46
N TYR C 210 -20.13 35.58 -3.08
CA TYR C 210 -19.22 36.62 -2.66
C TYR C 210 -19.31 37.74 -3.67
N GLY C 211 -19.76 38.91 -3.23
CA GLY C 211 -19.91 40.05 -4.11
C GLY C 211 -19.46 41.33 -3.45
N LEU C 212 -20.30 42.36 -3.44
CA LEU C 212 -19.84 43.61 -2.87
C LEU C 212 -19.98 43.60 -1.35
N SER C 213 -19.37 44.59 -0.71
CA SER C 213 -19.46 44.75 0.73
C SER C 213 -20.34 45.94 1.05
N GLU C 214 -20.66 46.10 2.33
CA GLU C 214 -21.45 47.25 2.75
C GLU C 214 -20.69 48.55 2.46
N ASN C 215 -19.36 48.50 2.51
CA ASN C 215 -18.55 49.71 2.29
C ASN C 215 -18.57 50.15 0.82
N ASP C 216 -18.78 49.24 -0.12
CA ASP C 216 -18.75 49.60 -1.53
C ASP C 216 -19.90 50.54 -1.88
N GLU C 217 -19.66 51.40 -2.87
CA GLU C 217 -20.64 52.37 -3.32
C GLU C 217 -21.64 51.70 -4.26
N TRP C 218 -22.91 52.06 -4.12
CA TRP C 218 -23.95 51.52 -4.99
C TRP C 218 -25.07 52.53 -5.18
N THR C 219 -25.25 52.98 -6.42
CA THR C 219 -26.28 53.97 -6.74
C THR C 219 -27.31 53.48 -7.74
N GLN C 220 -27.18 52.26 -8.26
CA GLN C 220 -28.23 51.72 -9.09
C GLN C 220 -29.48 51.51 -8.25
N ASP C 221 -30.60 51.26 -8.90
CA ASP C 221 -31.81 50.99 -8.15
C ASP C 221 -32.15 49.52 -8.10
N ARG C 222 -31.39 48.69 -8.82
CA ARG C 222 -31.29 47.29 -8.50
C ARG C 222 -30.78 47.13 -7.07
N ALA C 223 -31.26 46.09 -6.39
CA ALA C 223 -30.77 45.80 -5.05
C ALA C 223 -29.27 45.59 -5.05
N LYS C 224 -28.61 46.03 -4.00
CA LYS C 224 -27.16 46.00 -3.96
C LYS C 224 -26.66 44.56 -3.96
N PRO C 225 -25.86 44.15 -4.95
CA PRO C 225 -25.43 42.75 -5.04
C PRO C 225 -24.39 42.40 -4.00
N VAL C 226 -24.78 42.37 -2.74
CA VAL C 226 -23.85 42.13 -1.64
C VAL C 226 -23.53 40.64 -1.52
N THR C 227 -22.45 40.36 -0.81
CA THR C 227 -22.16 39.00 -0.37
C THR C 227 -23.34 38.46 0.43
N GLN C 228 -23.82 37.26 0.10
CA GLN C 228 -25.08 36.79 0.67
C GLN C 228 -25.26 35.32 0.38
N ILE C 229 -26.26 34.73 1.02
CA ILE C 229 -26.65 33.34 0.79
C ILE C 229 -28.03 33.32 0.14
N VAL C 230 -28.14 32.62 -0.98
CA VAL C 230 -29.40 32.44 -1.68
C VAL C 230 -29.68 30.94 -1.64
N SER C 231 -30.82 30.58 -1.05
CA SER C 231 -31.21 29.18 -0.90
C SER C 231 -32.55 28.91 -1.58
N ALA C 232 -32.78 27.65 -1.88
CA ALA C 232 -34.10 27.19 -2.29
C ALA C 232 -34.32 25.81 -1.66
N GLU C 233 -35.58 25.48 -1.37
CA GLU C 233 -35.87 24.33 -0.54
C GLU C 233 -37.03 23.52 -1.10
N ALA C 234 -37.22 22.35 -0.51
CA ALA C 234 -38.31 21.46 -0.87
C ALA C 234 -38.46 20.41 0.24
N TRP C 235 -39.69 19.99 0.44
CA TRP C 235 -40.06 19.00 1.44
C TRP C 235 -40.27 17.66 0.78
N GLY C 236 -40.17 16.60 1.58
CA GLY C 236 -40.54 15.27 1.10
C GLY C 236 -42.02 15.23 0.73
N ARG C 237 -42.31 14.60 -0.40
CA ARG C 237 -43.66 14.45 -0.93
C ARG C 237 -44.08 12.99 -0.79
N ALA C 238 -45.19 12.77 -0.07
CA ALA C 238 -45.73 11.43 0.13
C ALA C 238 -46.17 10.77 -1.17
N ASP C 239 -46.33 11.53 -2.23
CA ASP C 239 -46.67 10.97 -3.53
C ASP C 239 -46.04 11.76 -4.67
N SER D 1 33.08 17.03 -8.40
CA SER D 1 31.84 17.80 -8.37
C SER D 1 31.31 17.88 -6.95
N PRO D 2 30.91 19.08 -6.52
CA PRO D 2 30.49 19.26 -5.13
C PRO D 2 29.18 18.54 -4.84
N SER D 3 28.93 18.35 -3.54
CA SER D 3 27.70 17.74 -3.05
C SER D 3 26.94 18.79 -2.24
N TYR D 4 25.70 19.03 -2.62
CA TYR D 4 24.80 19.90 -1.88
C TYR D 4 24.44 19.24 -0.54
N ALA D 5 24.58 20.00 0.55
CA ALA D 5 24.35 19.42 1.88
C ALA D 5 22.94 18.89 2.03
N TYR D 6 21.94 19.60 1.48
CA TYR D 6 20.52 19.25 1.45
C TYR D 6 19.85 19.27 2.82
N HIS D 7 20.23 18.34 3.69
CA HIS D 7 19.47 18.09 4.90
C HIS D 7 19.67 19.20 5.92
N GLN D 8 18.60 19.51 6.66
CA GLN D 8 18.55 20.65 7.56
C GLN D 8 18.94 20.26 8.97
N PHE D 9 19.60 21.19 9.66
CA PHE D 9 19.98 20.96 11.05
C PHE D 9 18.74 20.99 11.96
N GLY E 1 -47.32 -2.82 11.55
CA GLY E 1 -46.55 -1.73 12.13
C GLY E 1 -45.12 -2.11 12.42
N PRO E 2 -44.71 -2.00 13.67
CA PRO E 2 -43.35 -2.38 14.06
C PRO E 2 -43.25 -3.87 14.40
N HIS E 3 -42.06 -4.42 14.15
CA HIS E 3 -41.82 -5.83 14.42
C HIS E 3 -40.42 -6.00 15.01
N SER E 4 -40.17 -7.17 15.57
CA SER E 4 -38.93 -7.42 16.27
C SER E 4 -38.55 -8.89 16.17
N MET E 5 -37.25 -9.15 16.28
CA MET E 5 -36.71 -10.51 16.37
C MET E 5 -35.63 -10.52 17.42
N ARG E 6 -35.61 -11.54 18.26
CA ARG E 6 -34.66 -11.62 19.35
C ARG E 6 -34.17 -13.05 19.51
N TYR E 7 -32.90 -13.21 19.84
CA TYR E 7 -32.37 -14.51 20.26
C TYR E 7 -31.84 -14.37 21.67
N TYR E 8 -32.19 -15.35 22.51
CA TYR E 8 -31.66 -15.53 23.84
C TYR E 8 -30.89 -16.85 23.87
N GLU E 9 -29.64 -16.80 24.31
CA GLU E 9 -28.79 -17.98 24.39
C GLU E 9 -28.23 -18.10 25.79
N THR E 10 -28.09 -19.33 26.27
CA THR E 10 -27.56 -19.60 27.59
C THR E 10 -26.58 -20.76 27.50
N ALA E 11 -25.46 -20.63 28.22
CA ALA E 11 -24.48 -21.70 28.31
C ALA E 11 -24.09 -21.84 29.77
N THR E 12 -24.29 -23.04 30.32
CA THR E 12 -24.06 -23.30 31.74
C THR E 12 -23.11 -24.48 31.89
N SER E 13 -21.95 -24.22 32.51
CA SER E 13 -21.03 -25.30 32.82
C SER E 13 -21.58 -26.10 33.99
N ARG E 14 -21.38 -27.42 33.92
CA ARG E 14 -22.11 -28.35 34.76
C ARG E 14 -21.28 -28.75 35.98
N ARG E 15 -21.62 -29.91 36.55
CA ARG E 15 -21.27 -30.22 37.93
C ARG E 15 -19.76 -30.28 38.11
N GLY E 16 -19.11 -31.25 37.46
CA GLY E 16 -17.67 -31.29 37.45
C GLY E 16 -17.11 -32.13 36.32
N LEU E 17 -17.98 -32.89 35.65
CA LEU E 17 -17.52 -33.88 34.69
C LEU E 17 -17.98 -33.58 33.27
N GLY E 18 -19.26 -33.29 33.06
CA GLY E 18 -19.75 -33.08 31.72
C GLY E 18 -19.35 -31.72 31.17
N GLU E 19 -19.62 -31.53 29.88
CA GLU E 19 -19.34 -30.24 29.27
C GLU E 19 -20.57 -29.36 29.35
N PRO E 20 -20.44 -28.05 29.13
CA PRO E 20 -21.57 -27.15 29.39
C PRO E 20 -22.79 -27.51 28.54
N ARG E 21 -23.91 -26.87 28.88
CA ARG E 21 -25.12 -27.03 28.08
C ARG E 21 -25.50 -25.70 27.48
N TYR E 22 -25.87 -25.73 26.20
CA TYR E 22 -26.16 -24.53 25.41
C TYR E 22 -27.59 -24.60 24.90
N THR E 23 -28.36 -23.57 25.19
CA THR E 23 -29.71 -23.43 24.68
C THR E 23 -29.84 -22.13 23.91
N SER E 24 -30.64 -22.17 22.85
CA SER E 24 -30.86 -20.99 22.03
C SER E 24 -32.36 -20.94 21.70
N VAL E 25 -33.02 -19.84 22.06
CA VAL E 25 -34.43 -19.68 21.72
C VAL E 25 -34.61 -18.36 21.00
N GLY E 26 -35.32 -18.39 19.88
CA GLY E 26 -35.58 -17.22 19.07
C GLY E 26 -37.04 -16.82 19.15
N TYR E 27 -37.27 -15.52 19.05
CA TYR E 27 -38.59 -14.91 19.16
C TYR E 27 -38.80 -14.01 17.95
N VAL E 28 -39.98 -14.12 17.36
CA VAL E 28 -40.46 -13.20 16.34
C VAL E 28 -41.72 -12.54 16.89
N ASP E 29 -41.69 -11.21 17.01
CA ASP E 29 -42.80 -10.45 17.60
C ASP E 29 -43.21 -11.02 18.94
N ASP E 30 -42.22 -11.36 19.74
CA ASP E 30 -42.39 -11.87 21.10
C ASP E 30 -43.12 -13.21 21.12
N LYS E 31 -43.01 -13.98 20.03
CA LYS E 31 -43.44 -15.37 20.02
C LYS E 31 -42.24 -16.27 19.72
N GLU E 32 -42.03 -17.25 20.58
CA GLU E 32 -40.98 -18.25 20.40
C GLU E 32 -41.21 -19.01 19.11
N PHE E 33 -40.23 -19.02 18.20
CA PHE E 33 -40.41 -19.71 16.92
C PHE E 33 -39.37 -20.76 16.61
N VAL E 34 -38.19 -20.74 17.23
CA VAL E 34 -37.20 -21.80 17.09
C VAL E 34 -36.56 -22.05 18.44
N ARG E 35 -35.99 -23.24 18.61
CA ARG E 35 -35.28 -23.58 19.83
C ARG E 35 -34.22 -24.63 19.55
N PHE E 36 -33.10 -24.52 20.26
CA PHE E 36 -32.00 -25.47 20.19
C PHE E 36 -31.56 -25.79 21.61
N ASP E 37 -31.28 -27.06 21.89
CA ASP E 37 -30.79 -27.48 23.20
C ASP E 37 -29.74 -28.56 23.01
N SER E 38 -28.55 -28.31 23.54
CA SER E 38 -27.42 -29.23 23.39
C SER E 38 -27.61 -30.53 24.16
N ASP E 39 -28.50 -30.53 25.16
CA ASP E 39 -28.82 -31.70 25.98
C ASP E 39 -29.88 -32.59 25.38
N ALA E 40 -30.40 -32.26 24.20
CA ALA E 40 -31.43 -33.08 23.63
C ALA E 40 -30.81 -34.38 23.11
N GLU E 41 -31.69 -35.33 22.77
CA GLU E 41 -31.25 -36.62 22.26
C GLU E 41 -30.31 -36.43 21.08
N ASN E 42 -30.80 -35.81 20.02
CA ASN E 42 -29.94 -35.33 18.93
C ASN E 42 -30.13 -33.84 18.81
N PRO E 43 -29.11 -33.03 19.08
CA PRO E 43 -29.30 -31.57 19.11
C PRO E 43 -29.51 -31.01 17.71
N ARG E 44 -30.57 -30.21 17.57
CA ARG E 44 -30.91 -29.56 16.32
C ARG E 44 -31.93 -28.47 16.61
N TYR E 45 -31.92 -27.44 15.77
CA TYR E 45 -32.99 -26.46 15.83
C TYR E 45 -34.30 -27.13 15.44
N GLU E 46 -35.36 -26.81 16.17
CA GLU E 46 -36.68 -27.35 15.87
C GLU E 46 -37.69 -26.22 15.83
N PRO E 47 -38.76 -26.36 15.04
CA PRO E 47 -39.79 -25.32 15.00
C PRO E 47 -40.65 -25.34 16.24
N GLN E 48 -40.92 -24.15 16.77
CA GLN E 48 -41.81 -23.95 17.90
C GLN E 48 -43.15 -23.40 17.48
N VAL E 49 -43.39 -23.31 16.17
CA VAL E 49 -44.56 -22.65 15.62
C VAL E 49 -44.85 -23.31 14.28
N PRO E 50 -46.11 -23.57 13.93
CA PRO E 50 -46.38 -24.35 12.71
C PRO E 50 -45.93 -23.67 11.43
N TRP E 51 -45.89 -22.34 11.36
CA TRP E 51 -45.52 -21.69 10.11
C TRP E 51 -44.02 -21.65 9.88
N MET E 52 -43.21 -22.28 10.73
CA MET E 52 -41.80 -22.48 10.45
C MET E 52 -41.55 -23.85 9.83
N GLU E 53 -42.59 -24.66 9.66
CA GLU E 53 -42.41 -25.98 9.07
C GLU E 53 -42.20 -25.92 7.56
N GLN E 54 -42.62 -24.83 6.93
CA GLN E 54 -42.44 -24.64 5.50
C GLN E 54 -41.02 -24.28 5.10
N GLU E 55 -40.04 -24.60 5.93
CA GLU E 55 -38.63 -24.41 5.61
C GLU E 55 -37.99 -25.76 5.35
N GLY E 56 -37.16 -25.81 4.31
CA GLY E 56 -36.57 -27.05 3.87
C GLY E 56 -35.48 -27.55 4.81
N PRO E 57 -35.04 -28.80 4.59
CA PRO E 57 -33.97 -29.35 5.43
C PRO E 57 -32.68 -28.53 5.38
N GLU E 58 -32.41 -27.83 4.28
CA GLU E 58 -31.19 -27.03 4.19
C GLU E 58 -31.18 -25.94 5.25
N TYR E 59 -32.35 -25.34 5.52
CA TYR E 59 -32.44 -24.28 6.51
C TYR E 59 -32.08 -24.79 7.91
N TRP E 60 -32.71 -25.89 8.33
CA TRP E 60 -32.47 -26.41 9.68
C TRP E 60 -31.07 -26.97 9.82
N GLU E 61 -30.56 -27.61 8.76
CA GLU E 61 -29.17 -28.06 8.75
C GLU E 61 -28.20 -26.89 8.94
N ARG E 62 -28.41 -25.81 8.19
CA ARG E 62 -27.45 -24.72 8.26
C ARG E 62 -27.50 -23.99 9.60
N ILE E 63 -28.70 -23.63 10.07
CA ILE E 63 -28.73 -22.94 11.36
C ILE E 63 -28.27 -23.88 12.48
N THR E 64 -28.45 -25.19 12.30
CA THR E 64 -27.94 -26.13 13.29
C THR E 64 -26.41 -26.12 13.32
N GLN E 65 -25.77 -26.05 12.15
CA GLN E 65 -24.32 -25.94 12.14
C GLN E 65 -23.86 -24.66 12.82
N ILE E 66 -24.56 -23.55 12.57
CA ILE E 66 -24.28 -22.33 13.32
C ILE E 66 -24.32 -22.60 14.82
N ALA E 67 -25.35 -23.34 15.27
CA ALA E 67 -25.48 -23.62 16.71
C ALA E 67 -24.33 -24.45 17.23
N LYS E 68 -23.85 -25.42 16.44
CA LYS E 68 -22.70 -26.22 16.87
C LYS E 68 -21.48 -25.33 17.08
N GLY E 69 -21.18 -24.47 16.10
CA GLY E 69 -20.08 -23.55 16.28
C GLY E 69 -20.27 -22.66 17.50
N GLN E 70 -21.50 -22.17 17.70
CA GLN E 70 -21.77 -21.30 18.83
C GLN E 70 -21.53 -22.03 20.15
N GLU E 71 -21.88 -23.31 20.20
CA GLU E 71 -21.62 -24.09 21.39
C GLU E 71 -20.13 -24.11 21.69
N GLN E 72 -19.32 -24.40 20.67
CA GLN E 72 -17.87 -24.38 20.88
C GLN E 72 -17.41 -23.01 21.39
N TRP E 73 -17.89 -21.94 20.78
CA TRP E 73 -17.53 -20.60 21.23
C TRP E 73 -17.86 -20.43 22.72
N PHE E 74 -19.01 -20.94 23.16
CA PHE E 74 -19.39 -20.76 24.56
C PHE E 74 -18.46 -21.53 25.48
N ARG E 75 -18.12 -22.78 25.15
CA ARG E 75 -17.12 -23.49 25.94
C ARG E 75 -15.82 -22.69 26.07
N VAL E 76 -15.28 -22.26 24.93
CA VAL E 76 -13.99 -21.56 24.92
C VAL E 76 -14.06 -20.31 25.78
N ASN E 77 -15.12 -19.50 25.62
CA ASN E 77 -15.18 -18.22 26.30
C ASN E 77 -15.64 -18.30 27.75
N LEU E 78 -16.30 -19.39 28.15
CA LEU E 78 -16.44 -19.61 29.58
C LEU E 78 -15.10 -19.95 30.20
N ARG E 79 -14.25 -20.71 29.49
CA ARG E 79 -12.88 -20.90 30.01
C ARG E 79 -12.15 -19.56 30.11
N THR E 80 -12.29 -18.71 29.10
CA THR E 80 -11.64 -17.40 29.13
C THR E 80 -12.09 -16.59 30.34
N LEU E 81 -13.40 -16.56 30.62
CA LEU E 81 -13.86 -15.75 31.76
C LEU E 81 -13.47 -16.38 33.09
N LEU E 82 -13.40 -17.71 33.16
CA LEU E 82 -12.75 -18.35 34.29
C LEU E 82 -11.38 -17.74 34.53
N GLY E 83 -10.61 -17.57 33.46
CA GLY E 83 -9.29 -16.95 33.60
C GLY E 83 -9.38 -15.51 34.08
N TYR E 84 -10.26 -14.72 33.47
CA TYR E 84 -10.31 -13.29 33.78
C TYR E 84 -10.72 -13.04 35.22
N TYR E 85 -11.66 -13.81 35.75
CA TYR E 85 -12.17 -13.57 37.10
C TYR E 85 -11.50 -14.41 38.16
N ASN E 86 -10.46 -15.16 37.79
CA ASN E 86 -9.67 -15.97 38.73
C ASN E 86 -10.58 -16.85 39.59
N GLN E 87 -11.29 -17.74 38.91
CA GLN E 87 -12.20 -18.67 39.57
C GLN E 87 -11.75 -20.10 39.31
N SER E 88 -11.99 -20.95 40.30
CA SER E 88 -11.63 -22.36 40.19
C SER E 88 -12.45 -23.04 39.11
N ALA E 89 -11.82 -23.97 38.40
CA ALA E 89 -12.53 -24.79 37.43
C ALA E 89 -13.45 -25.78 38.15
N GLY E 90 -14.17 -26.57 37.37
CA GLY E 90 -15.10 -27.55 37.91
C GLY E 90 -16.27 -26.97 38.68
N GLY E 91 -16.47 -25.65 38.57
CA GLY E 91 -17.63 -24.99 39.17
C GLY E 91 -18.76 -24.84 38.17
N THR E 92 -19.78 -24.11 38.59
CA THR E 92 -20.93 -23.83 37.74
C THR E 92 -20.97 -22.33 37.45
N HIS E 93 -21.13 -21.98 36.17
CA HIS E 93 -21.15 -20.60 35.73
C HIS E 93 -22.04 -20.48 34.51
N THR E 94 -22.54 -19.27 34.28
CA THR E 94 -23.52 -19.03 33.23
C THR E 94 -23.08 -17.87 32.34
N LEU E 95 -23.16 -18.10 31.04
CA LEU E 95 -23.03 -17.04 30.05
C LEU E 95 -24.36 -16.88 29.34
N GLN E 96 -24.87 -15.65 29.29
CA GLN E 96 -26.13 -15.34 28.62
C GLN E 96 -25.90 -14.29 27.55
N ARG E 97 -26.50 -14.52 26.39
CA ARG E 97 -26.36 -13.63 25.24
C ARG E 97 -27.74 -13.28 24.73
N MET E 98 -27.94 -12.01 24.40
CA MET E 98 -29.19 -11.56 23.78
C MET E 98 -28.82 -10.69 22.60
N TYR E 99 -29.45 -10.93 21.45
CA TYR E 99 -29.17 -10.05 20.31
C TYR E 99 -30.42 -10.04 19.45
N GLY E 100 -30.53 -9.01 18.60
CA GLY E 100 -31.67 -8.98 17.72
C GLY E 100 -31.95 -7.57 17.21
N CYS E 101 -33.12 -7.42 16.59
CA CYS E 101 -33.43 -6.18 15.91
C CYS E 101 -34.89 -5.80 16.11
N ASP E 102 -35.12 -4.49 16.23
CA ASP E 102 -36.42 -3.86 16.21
C ASP E 102 -36.51 -3.02 14.94
N VAL E 103 -37.47 -3.34 14.09
CA VAL E 103 -37.76 -2.58 12.87
C VAL E 103 -39.11 -1.90 13.02
N GLY E 104 -39.25 -0.76 12.35
CA GLY E 104 -40.42 0.08 12.50
C GLY E 104 -41.49 -0.20 11.47
N SER E 105 -42.33 0.81 11.27
CA SER E 105 -43.44 0.70 10.33
C SER E 105 -42.99 0.90 8.89
N ASP E 106 -41.81 1.49 8.68
CA ASP E 106 -41.25 1.65 7.35
C ASP E 106 -40.41 0.45 6.93
N GLY E 107 -40.36 -0.60 7.76
CA GLY E 107 -39.68 -1.82 7.42
C GLY E 107 -38.19 -1.87 7.71
N ARG E 108 -37.56 -0.76 8.05
CA ARG E 108 -36.13 -0.76 8.29
C ARG E 108 -35.82 -0.58 9.77
N LEU E 109 -34.53 -0.56 10.08
CA LEU E 109 -34.05 -0.91 11.42
C LEU E 109 -34.18 0.29 12.34
N LEU E 110 -34.86 0.12 13.47
CA LEU E 110 -34.90 1.15 14.48
C LEU E 110 -33.86 0.93 15.57
N ARG E 111 -33.63 -0.31 15.96
CA ARG E 111 -32.66 -0.54 17.03
C ARG E 111 -32.08 -1.93 16.92
N GLY E 112 -30.77 -2.04 17.15
CA GLY E 112 -30.08 -3.32 17.20
C GLY E 112 -29.58 -3.62 18.60
N TYR E 113 -29.49 -4.91 18.92
CA TYR E 113 -29.02 -5.36 20.22
C TYR E 113 -28.00 -6.47 20.07
N GLU E 114 -26.95 -6.39 20.89
CA GLU E 114 -25.97 -7.47 21.07
C GLU E 114 -25.37 -7.27 22.46
N GLN E 115 -25.59 -8.22 23.37
CA GLN E 115 -25.12 -8.00 24.73
C GLN E 115 -24.92 -9.33 25.44
N PHE E 116 -23.97 -9.32 26.38
CA PHE E 116 -23.50 -10.50 27.08
C PHE E 116 -23.46 -10.23 28.57
N ALA E 117 -23.87 -11.24 29.33
CA ALA E 117 -23.88 -11.21 30.79
C ALA E 117 -23.30 -12.50 31.34
N TYR E 118 -22.57 -12.37 32.44
CA TYR E 118 -21.85 -13.49 33.06
C TYR E 118 -22.33 -13.65 34.49
N ASP E 119 -22.82 -14.83 34.82
CA ASP E 119 -23.32 -15.18 36.16
C ASP E 119 -24.40 -14.20 36.62
N GLY E 120 -25.20 -13.70 35.68
CA GLY E 120 -26.29 -12.81 36.00
C GLY E 120 -25.92 -11.35 36.02
N CYS E 121 -24.67 -11.01 35.79
CA CYS E 121 -24.20 -9.64 35.80
C CYS E 121 -23.85 -9.21 34.38
N ASP E 122 -24.17 -7.97 34.05
CA ASP E 122 -23.83 -7.44 32.74
C ASP E 122 -22.33 -7.52 32.53
N TYR E 123 -21.93 -8.01 31.36
CA TYR E 123 -20.52 -8.08 30.99
C TYR E 123 -20.19 -7.03 29.93
N ILE E 124 -20.73 -7.16 28.72
CA ILE E 124 -20.42 -6.16 27.70
C ILE E 124 -21.63 -6.01 26.79
N ALA E 125 -21.91 -4.78 26.38
CA ALA E 125 -23.10 -4.53 25.59
C ALA E 125 -22.80 -3.53 24.48
N LEU E 126 -23.41 -3.76 23.33
CA LEU E 126 -23.27 -2.85 22.20
C LEU E 126 -24.23 -1.68 22.37
N ASN E 127 -23.69 -0.47 22.38
CA ASN E 127 -24.52 0.73 22.49
C ASN E 127 -25.39 0.91 21.26
N GLU E 128 -26.39 1.78 21.40
CA GLU E 128 -27.37 1.97 20.34
C GLU E 128 -26.76 2.46 19.04
N ASP E 129 -25.61 3.15 19.11
CA ASP E 129 -24.94 3.56 17.87
C ASP E 129 -24.40 2.39 17.07
N LEU E 130 -24.40 1.18 17.63
CA LEU E 130 -23.86 -0.02 17.00
C LEU E 130 -22.39 0.11 16.66
N ARG E 131 -21.68 1.03 17.31
CA ARG E 131 -20.26 1.26 17.06
C ARG E 131 -19.42 1.30 18.33
N THR E 132 -20.01 1.50 19.51
CA THR E 132 -19.27 1.60 20.75
C THR E 132 -19.76 0.54 21.72
N TRP E 133 -18.98 0.30 22.77
CA TRP E 133 -19.28 -0.75 23.74
C TRP E 133 -19.34 -0.19 25.14
N THR E 134 -20.24 -0.75 25.94
CA THR E 134 -20.32 -0.50 27.37
C THR E 134 -19.82 -1.74 28.10
N ALA E 135 -18.78 -1.57 28.89
CA ALA E 135 -18.13 -2.65 29.62
C ALA E 135 -18.30 -2.38 31.11
N ALA E 136 -18.83 -3.37 31.83
CA ALA E 136 -19.29 -3.16 33.20
C ALA E 136 -18.17 -3.22 34.25
N ASP E 137 -17.07 -3.91 33.97
CA ASP E 137 -15.99 -4.01 34.95
C ASP E 137 -14.66 -4.06 34.22
N MET E 138 -13.61 -4.49 34.92
CA MET E 138 -12.26 -4.44 34.36
C MET E 138 -12.08 -5.47 33.25
N ALA E 139 -12.35 -6.74 33.55
CA ALA E 139 -12.28 -7.80 32.56
C ALA E 139 -13.04 -7.43 31.30
N ALA E 140 -14.24 -6.88 31.48
CA ALA E 140 -15.01 -6.40 30.34
C ALA E 140 -14.23 -5.36 29.55
N GLN E 141 -13.40 -4.54 30.20
CA GLN E 141 -12.63 -3.56 29.45
C GLN E 141 -11.49 -4.21 28.68
N ILE E 142 -10.90 -5.28 29.21
CA ILE E 142 -9.98 -6.08 28.42
C ILE E 142 -10.65 -6.52 27.13
N THR E 143 -11.79 -7.20 27.26
CA THR E 143 -12.54 -7.65 26.09
C THR E 143 -12.87 -6.49 25.16
N ARG E 144 -13.23 -5.33 25.73
CA ARG E 144 -13.62 -4.18 24.92
C ARG E 144 -12.46 -3.69 24.08
N ARG E 145 -11.28 -3.59 24.67
CA ARG E 145 -10.10 -3.22 23.88
C ARG E 145 -9.83 -4.23 22.78
N LYS E 146 -9.91 -5.53 23.10
CA LYS E 146 -9.74 -6.55 22.06
C LYS E 146 -10.75 -6.36 20.93
N TRP E 147 -12.02 -6.06 21.26
CA TRP E 147 -13.06 -5.97 20.24
C TRP E 147 -12.97 -4.67 19.47
N GLU E 148 -12.42 -3.62 20.07
CA GLU E 148 -12.12 -2.42 19.29
C GLU E 148 -11.02 -2.70 18.28
N GLN E 149 -9.93 -3.36 18.70
CA GLN E 149 -8.89 -3.72 17.74
C GLN E 149 -9.45 -4.63 16.65
N ALA E 150 -10.35 -5.54 17.03
CA ALA E 150 -10.80 -6.60 16.12
C ALA E 150 -11.98 -6.20 15.24
N GLY E 151 -12.56 -5.02 15.46
CA GLY E 151 -13.69 -4.60 14.64
C GLY E 151 -14.96 -5.38 14.91
N ALA E 152 -15.19 -5.78 16.16
CA ALA E 152 -16.36 -6.56 16.50
C ALA E 152 -17.65 -5.78 16.22
N ALA E 153 -17.66 -4.48 16.54
CA ALA E 153 -18.87 -3.68 16.35
C ALA E 153 -19.33 -3.70 14.91
N GLU E 154 -18.39 -3.67 13.96
CA GLU E 154 -18.75 -3.68 12.54
C GLU E 154 -19.36 -5.02 12.13
N TYR E 155 -18.83 -6.11 12.68
CA TYR E 155 -19.36 -7.44 12.41
C TYR E 155 -20.80 -7.57 12.91
N TYR E 156 -21.01 -7.26 14.19
CA TYR E 156 -22.36 -7.33 14.72
C TYR E 156 -23.30 -6.36 14.00
N ARG E 157 -22.84 -5.13 13.74
CA ARG E 157 -23.67 -4.16 13.04
C ARG E 157 -24.04 -4.65 11.64
N ALA E 158 -23.13 -5.38 11.01
CA ALA E 158 -23.41 -5.95 9.70
C ALA E 158 -24.50 -7.00 9.81
N TYR E 159 -24.49 -7.80 10.87
CA TYR E 159 -25.58 -8.75 11.06
C TYR E 159 -26.91 -8.02 11.33
N LEU E 160 -26.89 -7.03 12.22
CA LEU E 160 -28.12 -6.42 12.71
C LEU E 160 -28.80 -5.58 11.63
N GLU E 161 -28.02 -4.84 10.84
CA GLU E 161 -28.59 -4.01 9.78
C GLU E 161 -28.98 -4.83 8.56
N GLY E 162 -28.38 -6.01 8.37
CA GLY E 162 -28.59 -6.77 7.16
C GLY E 162 -29.44 -8.01 7.34
N GLU E 163 -28.86 -9.11 7.84
CA GLU E 163 -29.60 -10.36 7.81
C GLU E 163 -30.65 -10.42 8.91
N CYS E 164 -30.48 -9.69 10.01
CA CYS E 164 -31.53 -9.65 11.01
C CYS E 164 -32.83 -9.14 10.38
N VAL E 165 -32.77 -7.98 9.74
CA VAL E 165 -33.95 -7.37 9.15
C VAL E 165 -34.57 -8.29 8.10
N GLU E 166 -33.75 -8.75 7.16
CA GLU E 166 -34.26 -9.54 6.04
C GLU E 166 -34.84 -10.88 6.50
N TRP E 167 -34.17 -11.53 7.46
CA TRP E 167 -34.70 -12.77 7.98
C TRP E 167 -36.00 -12.55 8.76
N LEU E 168 -36.13 -11.41 9.44
CA LEU E 168 -37.37 -11.12 10.15
C LEU E 168 -38.53 -10.93 9.17
N HIS E 169 -38.35 -10.07 8.18
CA HIS E 169 -39.37 -9.92 7.14
C HIS E 169 -39.72 -11.26 6.53
N ARG E 170 -38.71 -12.11 6.33
CA ARG E 170 -38.95 -13.44 5.77
C ARG E 170 -39.85 -14.27 6.68
N TYR E 171 -39.56 -14.26 7.98
CA TYR E 171 -40.36 -15.08 8.90
C TYR E 171 -41.78 -14.54 9.04
N LEU E 172 -41.97 -13.23 8.88
CA LEU E 172 -43.32 -12.68 8.92
C LEU E 172 -44.08 -12.95 7.64
N LYS E 173 -43.39 -13.03 6.50
CA LYS E 173 -44.07 -13.48 5.29
C LYS E 173 -44.53 -14.92 5.44
N ASN E 174 -43.86 -15.69 6.29
CA ASN E 174 -44.29 -17.06 6.60
C ASN E 174 -45.60 -17.11 7.37
N GLY E 175 -46.15 -15.97 7.77
CA GLY E 175 -47.43 -15.96 8.46
C GLY E 175 -48.54 -15.43 7.57
N ALA F 1 -17.54 -24.06 4.76
CA ALA F 1 -17.54 -23.22 3.57
C ALA F 1 -16.14 -23.14 2.97
N LYS F 2 -16.06 -23.34 1.65
CA LYS F 2 -14.83 -23.61 0.89
C LYS F 2 -14.48 -22.44 -0.03
N THR F 3 -13.19 -22.33 -0.36
CA THR F 3 -12.74 -21.34 -1.33
C THR F 3 -12.11 -22.03 -2.54
N THR F 4 -12.07 -21.31 -3.65
CA THR F 4 -11.50 -21.80 -4.89
C THR F 4 -10.59 -20.73 -5.50
N GLN F 5 -9.37 -21.13 -5.84
CA GLN F 5 -8.43 -20.23 -6.51
C GLN F 5 -7.78 -20.96 -7.67
N PRO F 6 -7.39 -20.24 -8.72
CA PRO F 6 -6.47 -20.84 -9.70
C PRO F 6 -5.15 -21.17 -9.01
N ASP F 7 -4.65 -22.38 -9.24
CA ASP F 7 -3.57 -22.89 -8.41
C ASP F 7 -2.20 -22.28 -8.72
N SER F 8 -2.01 -21.67 -9.88
CA SER F 8 -0.74 -21.01 -10.15
C SER F 8 -1.00 -19.69 -10.87
N MET F 9 0.00 -18.82 -10.81
CA MET F 9 -0.05 -17.54 -11.48
C MET F 9 1.38 -17.07 -11.75
N GLU F 10 1.64 -16.65 -12.99
CA GLU F 10 2.93 -16.10 -13.37
C GLU F 10 2.87 -14.59 -13.52
N SER F 11 3.95 -13.93 -13.12
CA SER F 11 4.03 -12.49 -13.19
C SER F 11 5.48 -12.07 -13.36
N THR F 12 5.65 -10.79 -13.69
CA THR F 12 6.95 -10.18 -13.85
C THR F 12 7.11 -9.08 -12.81
N GLU F 13 8.33 -8.93 -12.28
CA GLU F 13 8.55 -7.91 -11.26
C GLU F 13 8.14 -6.54 -11.79
N GLY F 14 7.55 -5.74 -10.91
CA GLY F 14 7.01 -4.47 -11.29
C GLY F 14 5.54 -4.49 -11.68
N GLU F 15 4.98 -5.66 -11.94
CA GLU F 15 3.56 -5.74 -12.23
C GLU F 15 2.75 -5.69 -10.94
N THR F 16 1.50 -5.28 -11.09
CA THR F 16 0.53 -5.33 -10.00
C THR F 16 -0.31 -6.57 -10.20
N VAL F 17 -0.28 -7.46 -9.22
CA VAL F 17 -0.85 -8.80 -9.35
C VAL F 17 -2.21 -8.86 -8.67
N HIS F 18 -3.19 -9.43 -9.37
CA HIS F 18 -4.55 -9.62 -8.89
C HIS F 18 -4.81 -11.12 -8.71
N LEU F 19 -4.84 -11.58 -7.46
CA LEU F 19 -5.08 -12.98 -7.14
C LEU F 19 -6.58 -13.19 -6.86
N PRO F 20 -7.31 -13.92 -7.70
CA PRO F 20 -8.76 -14.07 -7.48
C PRO F 20 -9.08 -15.22 -6.54
N CYS F 21 -10.21 -15.08 -5.85
CA CYS F 21 -10.70 -16.12 -4.96
C CYS F 21 -12.22 -16.18 -5.06
N SER F 22 -12.75 -17.39 -5.16
CA SER F 22 -14.17 -17.62 -5.30
C SER F 22 -14.71 -18.30 -4.05
N HIS F 23 -15.75 -17.71 -3.44
CA HIS F 23 -16.38 -18.27 -2.26
C HIS F 23 -17.87 -17.93 -2.29
N ALA F 24 -18.60 -18.64 -3.14
CA ALA F 24 -19.99 -18.29 -3.43
C ALA F 24 -20.96 -18.66 -2.31
N THR F 25 -20.61 -19.63 -1.46
CA THR F 25 -21.46 -20.05 -0.36
C THR F 25 -21.08 -19.38 0.95
N ILE F 26 -20.35 -18.27 0.90
CA ILE F 26 -19.96 -17.57 2.11
C ILE F 26 -21.23 -17.11 2.86
N SER F 27 -21.12 -17.03 4.18
CA SER F 27 -22.19 -16.54 5.03
C SER F 27 -21.70 -15.33 5.83
N GLY F 28 -22.64 -14.70 6.52
CA GLY F 28 -22.33 -13.55 7.35
C GLY F 28 -21.57 -13.86 8.61
N ASN F 29 -21.36 -15.14 8.92
CA ASN F 29 -20.57 -15.53 10.08
C ASN F 29 -19.10 -15.79 9.73
N GLU F 30 -18.66 -15.46 8.52
CA GLU F 30 -17.31 -15.82 8.07
C GLU F 30 -16.57 -14.60 7.51
N TYR F 31 -15.31 -14.48 7.89
CA TYR F 31 -14.38 -13.52 7.30
C TYR F 31 -13.59 -14.17 6.19
N ILE F 32 -13.10 -13.33 5.27
CA ILE F 32 -12.15 -13.73 4.24
C ILE F 32 -10.75 -13.44 4.73
N TYR F 33 -9.93 -14.47 4.84
CA TYR F 33 -8.55 -14.35 5.26
C TYR F 33 -7.60 -14.74 4.14
N TRP F 34 -6.48 -14.04 4.05
CA TRP F 34 -5.42 -14.33 3.11
C TRP F 34 -4.09 -14.51 3.84
N TYR F 35 -3.38 -15.58 3.49
CA TYR F 35 -2.07 -15.93 4.02
C TYR F 35 -1.05 -16.05 2.89
N ARG F 36 0.23 -15.88 3.24
CA ARG F 36 1.35 -16.01 2.32
C ARG F 36 2.34 -17.02 2.88
N GLN F 37 2.82 -17.92 2.02
CA GLN F 37 3.75 -18.98 2.39
C GLN F 37 4.92 -18.95 1.42
N VAL F 38 6.01 -18.29 1.82
CA VAL F 38 7.21 -18.22 0.99
C VAL F 38 7.94 -19.56 1.12
N PRO F 39 8.72 -19.95 0.12
CA PRO F 39 9.33 -21.29 0.15
C PRO F 39 10.11 -21.55 1.44
N LEU F 40 9.96 -22.77 1.94
CA LEU F 40 10.67 -23.26 3.12
C LEU F 40 10.16 -22.60 4.40
N GLN F 41 8.87 -22.23 4.44
CA GLN F 41 8.32 -21.56 5.61
C GLN F 41 6.86 -21.96 5.77
N GLY F 42 6.32 -21.66 6.94
CA GLY F 42 4.89 -21.81 7.16
C GLY F 42 4.18 -20.55 6.73
N PRO F 43 2.89 -20.64 6.50
CA PRO F 43 2.14 -19.45 6.07
C PRO F 43 2.22 -18.35 7.12
N GLU F 44 2.02 -17.12 6.67
CA GLU F 44 1.87 -15.99 7.56
C GLU F 44 0.67 -15.15 7.12
N TYR F 45 0.00 -14.56 8.10
CA TYR F 45 -1.16 -13.72 7.84
C TYR F 45 -0.81 -12.56 6.93
N VAL F 46 -1.58 -12.38 5.87
CA VAL F 46 -1.45 -11.20 5.00
C VAL F 46 -2.53 -10.21 5.38
N THR F 47 -3.80 -10.60 5.22
CA THR F 47 -4.88 -9.65 5.48
C THR F 47 -6.18 -10.41 5.68
N HIS F 48 -7.24 -9.67 6.02
CA HIS F 48 -8.58 -10.24 6.12
C HIS F 48 -9.59 -9.11 6.04
N GLY F 49 -10.83 -9.48 5.74
CA GLY F 49 -11.92 -8.54 5.62
C GLY F 49 -13.27 -9.20 5.76
N LEU F 50 -14.28 -8.38 6.02
CA LEU F 50 -15.67 -8.84 6.10
C LEU F 50 -16.44 -8.44 4.85
N GLN F 51 -16.74 -7.15 4.71
CA GLN F 51 -17.51 -6.63 3.58
C GLN F 51 -16.75 -5.58 2.79
N GLN F 52 -16.15 -4.61 3.48
CA GLN F 52 -15.51 -3.51 2.80
C GLN F 52 -14.11 -3.89 2.34
N ASN F 53 -13.65 -3.20 1.30
CA ASN F 53 -12.27 -3.30 0.87
C ASN F 53 -11.34 -2.97 2.04
N THR F 54 -10.15 -3.56 2.02
CA THR F 54 -9.22 -3.48 3.13
C THR F 54 -7.82 -3.24 2.59
N THR F 55 -7.04 -2.40 3.28
CA THR F 55 -5.71 -2.04 2.82
C THR F 55 -4.76 -2.03 4.00
N ASN F 56 -3.56 -2.57 3.78
CA ASN F 56 -2.48 -2.46 4.75
C ASN F 56 -1.16 -2.39 3.97
N SER F 57 -0.05 -2.54 4.68
CA SER F 57 1.24 -2.42 4.01
C SER F 57 1.56 -3.63 3.15
N MET F 58 0.94 -4.78 3.39
CA MET F 58 1.30 -5.95 2.59
C MET F 58 0.44 -6.09 1.33
N ALA F 59 -0.83 -5.69 1.39
CA ALA F 59 -1.70 -5.98 0.25
C ALA F 59 -2.94 -5.12 0.33
N PHE F 60 -3.66 -5.08 -0.79
CA PHE F 60 -5.01 -4.53 -0.82
C PHE F 60 -5.98 -5.69 -0.99
N LEU F 61 -7.08 -5.69 -0.24
CA LEU F 61 -8.10 -6.73 -0.37
C LEU F 61 -9.40 -6.12 -0.88
N ALA F 62 -9.80 -6.54 -2.08
CA ALA F 62 -11.05 -6.10 -2.69
C ALA F 62 -12.08 -7.21 -2.56
N ILE F 63 -13.22 -6.91 -1.94
CA ILE F 63 -14.31 -7.85 -1.71
C ILE F 63 -15.48 -7.45 -2.60
N ALA F 64 -16.03 -8.41 -3.34
CA ALA F 64 -17.20 -8.14 -4.16
C ALA F 64 -18.37 -7.67 -3.30
N SER F 65 -19.27 -6.89 -3.90
CA SER F 65 -20.38 -6.34 -3.14
C SER F 65 -21.27 -7.44 -2.57
N ASP F 66 -21.43 -8.55 -3.30
CA ASP F 66 -22.19 -9.68 -2.80
C ASP F 66 -21.35 -10.65 -1.96
N ARG F 67 -20.08 -10.34 -1.72
CA ARG F 67 -19.13 -11.13 -0.93
C ARG F 67 -18.83 -12.50 -1.50
N LYS F 68 -19.26 -12.80 -2.73
CA LYS F 68 -19.08 -14.14 -3.30
C LYS F 68 -17.72 -14.32 -3.99
N SER F 69 -16.90 -13.28 -4.06
CA SER F 69 -15.57 -13.39 -4.64
C SER F 69 -14.70 -12.29 -4.03
N SER F 70 -13.40 -12.43 -4.26
CA SER F 70 -12.38 -11.68 -3.53
C SER F 70 -11.16 -11.51 -4.45
N THR F 71 -10.37 -10.49 -4.18
CA THR F 71 -9.13 -10.28 -4.94
C THR F 71 -8.07 -9.73 -4.01
N LEU F 72 -6.95 -10.44 -3.90
CA LEU F 72 -5.78 -9.94 -3.21
C LEU F 72 -4.92 -9.22 -4.25
N ILE F 73 -4.59 -7.96 -3.99
CA ILE F 73 -3.88 -7.12 -4.94
C ILE F 73 -2.51 -6.78 -4.35
N LEU F 74 -1.47 -7.16 -5.07
CA LEU F 74 -0.08 -6.90 -4.70
C LEU F 74 0.48 -5.85 -5.64
N THR F 75 0.97 -4.76 -5.08
CA THR F 75 1.45 -3.64 -5.88
C THR F 75 2.93 -3.80 -6.21
N HIS F 76 3.26 -3.75 -7.50
CA HIS F 76 4.64 -3.72 -7.97
C HIS F 76 5.46 -4.84 -7.32
N VAL F 77 5.14 -6.06 -7.74
CA VAL F 77 5.71 -7.22 -7.08
C VAL F 77 7.20 -7.28 -7.34
N SER F 78 7.94 -7.69 -6.32
CA SER F 78 9.35 -8.02 -6.44
C SER F 78 9.49 -9.54 -6.31
N LEU F 79 10.73 -10.01 -6.44
CA LEU F 79 10.98 -11.44 -6.42
C LEU F 79 10.57 -12.07 -5.10
N ARG F 80 10.73 -11.36 -3.99
CA ARG F 80 10.39 -11.90 -2.69
C ARG F 80 8.88 -12.06 -2.48
N ASP F 81 8.05 -11.62 -3.43
CA ASP F 81 6.61 -11.86 -3.35
C ASP F 81 6.20 -13.21 -3.91
N ALA F 82 7.11 -13.95 -4.55
CA ALA F 82 6.79 -15.30 -5.01
C ALA F 82 6.50 -16.19 -3.81
N ALA F 83 5.37 -16.87 -3.84
CA ALA F 83 4.90 -17.59 -2.66
C ALA F 83 3.60 -18.29 -3.01
N VAL F 84 3.13 -19.13 -2.09
CA VAL F 84 1.79 -19.69 -2.19
C VAL F 84 0.87 -18.81 -1.36
N TYR F 85 -0.17 -18.27 -1.98
CA TYR F 85 -1.13 -17.42 -1.30
C TYR F 85 -2.41 -18.21 -1.04
N HIS F 86 -2.81 -18.32 0.22
CA HIS F 86 -4.00 -19.08 0.61
C HIS F 86 -5.16 -18.13 0.94
N CYS F 87 -6.26 -18.29 0.22
CA CYS F 87 -7.50 -17.59 0.53
C CYS F 87 -8.45 -18.57 1.19
N ILE F 88 -8.80 -18.32 2.46
CA ILE F 88 -9.68 -19.20 3.21
C ILE F 88 -10.72 -18.37 3.97
N LEU F 89 -11.82 -19.02 4.31
CA LEU F 89 -12.84 -18.43 5.16
C LEU F 89 -12.58 -18.86 6.61
N GLN F 90 -12.71 -17.92 7.54
CA GLN F 90 -12.58 -18.23 8.95
C GLN F 90 -13.88 -17.84 9.66
N GLY F 91 -14.27 -18.66 10.63
CA GLY F 91 -15.52 -18.41 11.30
C GLY F 91 -16.34 -19.66 11.51
N THR F 92 -17.38 -19.52 12.33
CA THR F 92 -18.31 -20.60 12.71
C THR F 92 -17.59 -21.74 13.44
N GLY F 93 -16.34 -21.53 13.86
CA GLY F 93 -15.55 -22.57 14.48
C GLY F 93 -15.02 -23.62 13.54
N SER F 94 -15.32 -23.52 12.25
CA SER F 94 -14.93 -24.53 11.28
C SER F 94 -13.42 -24.48 11.07
N LYS F 95 -12.72 -25.55 11.45
CA LYS F 95 -11.27 -25.65 11.28
C LYS F 95 -11.01 -26.67 10.17
N LEU F 96 -10.59 -26.17 9.01
CA LEU F 96 -10.40 -26.99 7.83
C LEU F 96 -8.96 -26.87 7.36
N SER F 97 -8.59 -27.71 6.40
CA SER F 97 -7.30 -27.59 5.74
C SER F 97 -7.25 -26.29 4.93
N PHE F 98 -6.04 -25.77 4.74
CA PHE F 98 -5.86 -24.60 3.90
C PHE F 98 -6.02 -24.94 2.43
N GLY F 99 -5.62 -26.13 2.02
CA GLY F 99 -5.68 -26.50 0.62
C GLY F 99 -4.43 -26.08 -0.13
N LYS F 100 -4.59 -25.92 -1.44
CA LYS F 100 -3.46 -25.68 -2.32
C LYS F 100 -3.13 -24.20 -2.48
N GLY F 101 -4.12 -23.32 -2.42
CA GLY F 101 -3.80 -21.92 -2.64
C GLY F 101 -3.37 -21.65 -4.07
N ALA F 102 -2.72 -20.50 -4.25
CA ALA F 102 -2.28 -20.03 -5.56
C ALA F 102 -0.77 -19.81 -5.52
N LYS F 103 -0.05 -20.50 -6.39
CA LYS F 103 1.40 -20.37 -6.42
C LYS F 103 1.76 -19.23 -7.38
N LEU F 104 2.25 -18.13 -6.81
CA LEU F 104 2.68 -16.96 -7.55
C LEU F 104 4.19 -17.03 -7.78
N THR F 105 4.58 -17.07 -9.04
CA THR F 105 5.97 -16.92 -9.45
C THR F 105 6.17 -15.50 -9.97
N VAL F 106 7.32 -14.93 -9.65
CA VAL F 106 7.68 -13.58 -10.06
C VAL F 106 9.00 -13.68 -10.81
N SER F 107 8.93 -13.49 -12.13
CA SER F 107 10.09 -13.49 -13.01
C SER F 107 10.74 -12.11 -13.03
N PRO F 108 12.06 -12.06 -13.22
CA PRO F 108 12.73 -10.76 -13.32
C PRO F 108 12.47 -10.11 -14.67
N ASP F 109 12.53 -8.77 -14.66
CA ASP F 109 12.38 -7.97 -15.87
C ASP F 109 13.76 -7.80 -16.48
N ILE F 110 14.08 -8.59 -17.50
CA ILE F 110 15.41 -8.64 -18.09
C ILE F 110 15.35 -7.79 -19.36
N GLN F 111 15.69 -6.51 -19.24
CA GLN F 111 15.64 -5.62 -20.38
C GLN F 111 16.97 -5.51 -21.11
N ASN F 112 18.03 -6.14 -20.61
CA ASN F 112 19.32 -6.24 -21.30
C ASN F 112 19.72 -7.70 -21.39
N PRO F 113 19.01 -8.48 -22.20
CA PRO F 113 19.30 -9.92 -22.26
C PRO F 113 20.58 -10.19 -23.04
N ASP F 114 21.46 -10.97 -22.43
CA ASP F 114 22.75 -11.34 -23.03
C ASP F 114 22.93 -12.85 -22.97
N PRO F 115 22.05 -13.61 -23.64
CA PRO F 115 22.07 -15.07 -23.49
C PRO F 115 23.39 -15.68 -23.94
N ALA F 116 23.91 -16.61 -23.13
CA ALA F 116 25.16 -17.29 -23.41
C ALA F 116 25.15 -18.65 -22.75
N VAL F 117 26.05 -19.52 -23.20
CA VAL F 117 26.25 -20.85 -22.62
C VAL F 117 27.74 -21.00 -22.33
N TYR F 118 28.10 -21.02 -21.06
CA TYR F 118 29.49 -21.13 -20.65
C TYR F 118 29.80 -22.55 -20.16
N GLN F 119 31.09 -22.84 -20.06
CA GLN F 119 31.59 -24.11 -19.53
C GLN F 119 32.42 -23.82 -18.30
N LEU F 120 32.11 -24.49 -17.19
CA LEU F 120 32.77 -24.26 -15.92
C LEU F 120 33.43 -25.55 -15.44
N ARG F 121 34.55 -25.41 -14.72
CA ARG F 121 35.35 -26.57 -14.37
C ARG F 121 35.45 -26.79 -12.87
N ASP F 122 35.57 -28.07 -12.52
CA ASP F 122 35.66 -28.45 -11.13
C ASP F 122 36.89 -27.80 -10.51
N SER F 123 36.69 -27.17 -9.35
CA SER F 123 37.79 -26.48 -8.69
C SER F 123 38.90 -27.43 -8.26
N LYS F 124 38.55 -28.66 -7.88
CA LYS F 124 39.56 -29.64 -7.46
C LYS F 124 39.86 -30.71 -8.51
N SER F 125 38.85 -31.29 -9.15
CA SER F 125 39.08 -32.45 -10.00
C SER F 125 39.41 -31.98 -11.42
N SER F 126 39.59 -32.94 -12.33
CA SER F 126 40.09 -32.63 -13.65
C SER F 126 39.17 -33.04 -14.81
N ASP F 127 38.29 -34.02 -14.63
CA ASP F 127 37.51 -34.43 -15.78
C ASP F 127 36.08 -33.89 -15.77
N LYS F 128 35.63 -33.30 -14.66
CA LYS F 128 34.23 -32.94 -14.49
C LYS F 128 34.00 -31.46 -14.76
N SER F 129 32.90 -31.16 -15.46
CA SER F 129 32.56 -29.79 -15.82
C SER F 129 31.04 -29.70 -16.03
N VAL F 130 30.54 -28.47 -15.96
CA VAL F 130 29.12 -28.21 -16.18
C VAL F 130 28.98 -27.11 -17.23
N CYS F 131 27.81 -27.10 -17.88
CA CYS F 131 27.44 -26.08 -18.84
C CYS F 131 26.39 -25.16 -18.20
N LEU F 132 26.59 -23.85 -18.34
CA LEU F 132 25.74 -22.87 -17.70
C LEU F 132 25.08 -22.00 -18.76
N PHE F 133 23.76 -22.15 -18.89
CA PHE F 133 22.91 -21.29 -19.70
C PHE F 133 22.42 -20.13 -18.83
N THR F 134 22.83 -18.91 -19.15
CA THR F 134 22.61 -17.78 -18.25
C THR F 134 22.26 -16.54 -19.05
N ASP F 135 21.72 -15.55 -18.32
CA ASP F 135 21.46 -14.19 -18.80
C ASP F 135 20.44 -14.13 -19.93
N PHE F 136 19.60 -15.14 -20.06
CA PHE F 136 18.49 -15.05 -21.00
C PHE F 136 17.32 -14.29 -20.35
N ASP F 137 16.37 -13.89 -21.18
CA ASP F 137 15.21 -13.17 -20.66
C ASP F 137 14.17 -14.16 -20.16
N SER F 138 13.24 -13.66 -19.35
CA SER F 138 12.29 -14.51 -18.63
C SER F 138 11.28 -15.20 -19.54
N GLN F 139 11.17 -14.79 -20.80
CA GLN F 139 10.28 -15.49 -21.73
C GLN F 139 10.94 -16.70 -22.37
N THR F 140 12.25 -16.88 -22.20
CA THR F 140 12.90 -18.12 -22.59
C THR F 140 12.54 -19.21 -21.60
N ASN F 141 12.08 -20.36 -22.12
CA ASN F 141 11.71 -21.49 -21.28
C ASN F 141 12.68 -22.63 -21.52
N VAL F 142 13.24 -23.17 -20.44
CA VAL F 142 14.23 -24.24 -20.51
C VAL F 142 13.50 -25.58 -20.41
N SER F 143 13.71 -26.43 -21.40
CA SER F 143 13.06 -27.73 -21.45
C SER F 143 13.93 -28.78 -20.79
N GLN F 144 13.30 -29.87 -20.39
CA GLN F 144 14.06 -30.93 -19.75
C GLN F 144 14.76 -31.79 -20.80
N SER F 145 15.81 -32.48 -20.37
CA SER F 145 16.57 -33.32 -21.28
C SER F 145 15.79 -34.58 -21.63
N LYS F 146 15.83 -34.96 -22.90
CA LYS F 146 15.23 -36.23 -23.32
C LYS F 146 16.17 -37.40 -23.03
N ASP F 147 17.47 -37.23 -23.26
CA ASP F 147 18.42 -38.26 -22.86
C ASP F 147 18.42 -38.34 -21.34
N SER F 148 18.31 -39.56 -20.82
CA SER F 148 18.13 -39.73 -19.39
C SER F 148 19.44 -39.68 -18.60
N ASP F 149 20.58 -39.67 -19.29
CA ASP F 149 21.86 -39.54 -18.61
C ASP F 149 22.48 -38.16 -18.76
N VAL F 150 21.66 -37.17 -19.12
CA VAL F 150 22.03 -35.76 -19.06
C VAL F 150 20.99 -35.06 -18.22
N TYR F 151 21.44 -34.29 -17.24
CA TYR F 151 20.59 -33.63 -16.26
C TYR F 151 20.59 -32.13 -16.51
N ILE F 152 19.40 -31.55 -16.58
CA ILE F 152 19.25 -30.11 -16.74
C ILE F 152 18.25 -29.61 -15.71
N THR F 153 18.61 -28.53 -15.02
CA THR F 153 17.75 -27.91 -14.03
C THR F 153 16.99 -26.76 -14.67
N ASP F 154 15.81 -26.47 -14.14
CA ASP F 154 14.97 -25.42 -14.70
C ASP F 154 15.56 -24.04 -14.36
N LYS F 155 15.01 -23.02 -14.99
CA LYS F 155 15.54 -21.68 -14.82
C LYS F 155 15.34 -21.20 -13.39
N CYS F 156 16.28 -20.40 -12.93
CA CYS F 156 16.29 -19.93 -11.56
C CYS F 156 16.91 -18.54 -11.55
N VAL F 157 16.42 -17.68 -10.67
CA VAL F 157 16.75 -16.27 -10.69
C VAL F 157 17.63 -15.95 -9.49
N LEU F 158 18.75 -15.29 -9.75
CA LEU F 158 19.58 -14.73 -8.70
C LEU F 158 19.57 -13.22 -8.79
N ASP F 159 19.76 -12.57 -7.65
CA ASP F 159 19.60 -11.14 -7.49
C ASP F 159 20.83 -10.63 -6.75
N MET F 160 21.75 -10.01 -7.48
CA MET F 160 22.90 -9.41 -6.82
C MET F 160 22.46 -8.02 -6.39
N ARG F 161 22.14 -7.91 -5.10
CA ARG F 161 21.42 -6.74 -4.60
C ARG F 161 22.30 -5.50 -4.62
N SER F 162 23.60 -5.66 -4.30
CA SER F 162 24.48 -4.50 -4.28
C SER F 162 24.59 -3.85 -5.66
N MET F 163 24.59 -4.66 -6.72
CA MET F 163 24.74 -4.15 -8.07
C MET F 163 23.41 -3.88 -8.76
N ASP F 164 22.27 -4.11 -8.10
CA ASP F 164 20.96 -3.87 -8.68
C ASP F 164 20.79 -4.62 -10.00
N PHE F 165 21.08 -5.92 -9.97
CA PHE F 165 21.18 -6.73 -11.18
C PHE F 165 20.62 -8.11 -10.91
N LYS F 166 19.77 -8.58 -11.83
CA LYS F 166 19.17 -9.90 -11.72
C LYS F 166 19.41 -10.66 -13.01
N SER F 167 19.47 -11.99 -12.90
CA SER F 167 19.72 -12.82 -14.08
C SER F 167 19.17 -14.21 -13.85
N ASN F 168 18.80 -14.87 -14.94
CA ASN F 168 18.34 -16.24 -14.96
C ASN F 168 19.47 -17.18 -15.35
N SER F 169 19.31 -18.45 -14.97
CA SER F 169 20.29 -19.46 -15.34
C SER F 169 19.67 -20.84 -15.20
N ALA F 170 20.16 -21.77 -16.01
CA ALA F 170 19.84 -23.19 -15.92
C ALA F 170 21.14 -23.96 -16.11
N VAL F 171 21.31 -25.04 -15.37
CA VAL F 171 22.56 -25.78 -15.34
C VAL F 171 22.34 -27.15 -15.98
N ALA F 172 23.29 -27.58 -16.80
CA ALA F 172 23.28 -28.89 -17.42
C ALA F 172 24.62 -29.57 -17.21
N TRP F 173 24.59 -30.88 -16.97
CA TRP F 173 25.81 -31.64 -16.76
C TRP F 173 25.55 -33.09 -17.14
N SER F 174 26.65 -33.80 -17.41
CA SER F 174 26.58 -35.21 -17.78
C SER F 174 27.96 -35.83 -17.74
N ASN F 175 27.99 -37.15 -17.63
CA ASN F 175 29.20 -37.94 -17.75
C ASN F 175 29.30 -38.67 -19.09
N LYS F 176 28.38 -38.40 -20.00
CA LYS F 176 28.41 -39.06 -21.30
C LYS F 176 29.54 -38.50 -22.16
N SER F 177 30.12 -39.37 -22.98
CA SER F 177 31.25 -38.99 -23.82
C SER F 177 30.87 -37.91 -24.83
N ASP F 178 29.68 -38.03 -25.42
CA ASP F 178 29.25 -37.15 -26.49
C ASP F 178 28.54 -35.89 -26.01
N PHE F 179 28.62 -35.58 -24.71
CA PHE F 179 27.96 -34.39 -24.18
C PHE F 179 28.90 -33.19 -24.24
N ALA F 180 28.40 -32.08 -24.77
CA ALA F 180 29.17 -30.85 -24.83
C ALA F 180 28.23 -29.68 -24.66
N CYS F 181 28.81 -28.52 -24.31
CA CYS F 181 28.02 -27.35 -24.00
C CYS F 181 27.25 -26.86 -25.22
N ALA F 182 27.87 -26.94 -26.40
CA ALA F 182 27.20 -26.50 -27.62
C ALA F 182 25.92 -27.28 -27.93
N ASN F 183 25.76 -28.48 -27.35
CA ASN F 183 24.59 -29.32 -27.55
C ASN F 183 23.74 -29.51 -26.30
N ALA F 184 24.18 -28.99 -25.16
CA ALA F 184 23.54 -29.31 -23.89
C ALA F 184 22.06 -28.94 -23.89
N PHE F 185 21.74 -27.72 -24.33
CA PHE F 185 20.38 -27.22 -24.28
C PHE F 185 19.69 -27.26 -25.63
N ASN F 186 20.07 -28.19 -26.50
CA ASN F 186 19.48 -28.22 -27.84
C ASN F 186 17.99 -28.53 -27.82
N ASN F 187 17.50 -29.23 -26.80
CA ASN F 187 16.06 -29.50 -26.75
C ASN F 187 15.29 -28.32 -26.18
N SER F 188 15.95 -27.19 -25.94
CA SER F 188 15.30 -25.97 -25.49
C SER F 188 15.39 -24.91 -26.57
N ILE F 189 14.31 -24.15 -26.74
CA ILE F 189 14.30 -23.07 -27.71
C ILE F 189 15.10 -21.91 -27.12
N ILE F 190 16.24 -21.60 -27.74
CA ILE F 190 17.19 -20.65 -27.18
C ILE F 190 17.29 -19.45 -28.10
N PRO F 191 17.45 -18.24 -27.57
CA PRO F 191 17.72 -17.07 -28.42
C PRO F 191 18.75 -17.36 -29.50
N GLU F 192 18.46 -16.94 -30.73
CA GLU F 192 19.36 -17.22 -31.84
C GLU F 192 20.62 -16.37 -31.79
N ASP F 193 20.70 -15.41 -30.87
CA ASP F 193 21.91 -14.64 -30.62
C ASP F 193 22.65 -15.13 -29.38
N THR F 194 22.51 -16.41 -29.05
CA THR F 194 23.13 -16.96 -27.85
C THR F 194 24.64 -17.11 -28.05
N PHE F 195 25.40 -16.44 -27.20
CA PHE F 195 26.85 -16.45 -27.28
C PHE F 195 27.40 -17.83 -26.90
N PHE F 196 28.16 -18.44 -27.80
CA PHE F 196 28.82 -19.72 -27.53
C PHE F 196 30.33 -19.52 -27.62
N PRO F 197 31.05 -19.54 -26.51
CA PRO F 197 32.51 -19.39 -26.56
C PRO F 197 33.21 -20.54 -27.28
N SER F 198 34.54 -20.58 -27.15
CA SER F 198 35.40 -21.54 -27.85
C SER F 198 35.40 -21.26 -29.35
N ALA G 1 5.29 -16.38 20.18
CA ALA G 1 6.11 -17.22 19.32
C ALA G 1 5.66 -18.67 19.35
N VAL G 2 5.76 -19.35 18.21
CA VAL G 2 5.45 -20.77 18.08
C VAL G 2 6.74 -21.47 17.70
N THR G 3 7.19 -22.41 18.53
CA THR G 3 8.42 -23.15 18.27
C THR G 3 8.10 -24.62 18.07
N GLN G 4 8.93 -25.28 17.27
CA GLN G 4 8.74 -26.69 16.91
C GLN G 4 10.04 -27.44 17.12
N SER G 5 9.92 -28.70 17.49
CA SER G 5 11.08 -29.53 17.75
C SER G 5 10.73 -30.99 17.49
N PRO G 6 11.58 -31.74 16.78
CA PRO G 6 12.85 -31.29 16.19
C PRO G 6 12.63 -30.53 14.89
N ARG G 7 13.69 -29.93 14.32
CA ARG G 7 13.55 -29.30 13.03
C ARG G 7 13.64 -30.31 11.88
N ASN G 8 14.40 -31.38 12.07
CA ASN G 8 14.54 -32.43 11.05
C ASN G 8 14.56 -33.78 11.73
N LYS G 9 14.08 -34.79 11.02
CA LYS G 9 13.99 -36.12 11.61
C LYS G 9 13.99 -37.17 10.51
N VAL G 10 14.80 -38.19 10.66
CA VAL G 10 14.78 -39.35 9.78
C VAL G 10 14.60 -40.60 10.63
N THR G 11 13.71 -41.48 10.20
CA THR G 11 13.39 -42.68 10.95
C THR G 11 13.02 -43.80 9.99
N VAL G 12 13.19 -45.01 10.44
CA VAL G 12 12.78 -46.18 9.67
C VAL G 12 11.31 -46.43 9.94
N THR G 13 10.63 -47.02 8.97
CA THR G 13 9.20 -47.26 9.06
C THR G 13 8.89 -48.17 10.26
N GLY G 14 7.74 -47.93 10.89
CA GLY G 14 7.36 -48.67 12.07
C GLY G 14 7.87 -48.12 13.38
N GLY G 15 8.68 -47.08 13.34
CA GLY G 15 9.18 -46.49 14.55
C GLY G 15 8.21 -45.49 15.15
N ASN G 16 8.59 -45.00 16.32
CA ASN G 16 7.85 -44.04 17.11
C ASN G 16 8.42 -42.65 16.88
N VAL G 17 7.56 -41.68 16.57
CA VAL G 17 7.98 -40.30 16.30
C VAL G 17 7.07 -39.35 17.07
N THR G 18 7.67 -38.42 17.83
CA THR G 18 6.95 -37.39 18.56
C THR G 18 7.40 -36.02 18.04
N LEU G 19 6.45 -35.21 17.60
CA LEU G 19 6.72 -33.82 17.22
C LEU G 19 6.17 -32.91 18.31
N SER G 20 6.95 -31.90 18.69
CA SER G 20 6.64 -31.03 19.80
C SER G 20 6.38 -29.62 19.28
N CYS G 21 5.33 -28.98 19.80
CA CYS G 21 4.97 -27.61 19.48
C CYS G 21 4.78 -26.85 20.78
N ARG G 22 5.34 -25.65 20.85
CA ARG G 22 5.14 -24.76 21.97
C ARG G 22 4.67 -23.41 21.45
N GLN G 23 3.87 -22.74 22.27
CA GLN G 23 3.24 -21.48 21.87
C GLN G 23 3.21 -20.56 23.08
N THR G 24 3.86 -19.42 22.98
CA THR G 24 3.88 -18.44 24.06
C THR G 24 3.00 -17.22 23.74
N ASN G 25 1.90 -17.45 23.01
CA ASN G 25 0.99 -16.39 22.60
C ASN G 25 -0.27 -16.29 23.46
N SER G 26 -0.40 -17.14 24.48
CA SER G 26 -1.61 -17.21 25.30
C SER G 26 -2.86 -17.53 24.45
N HIS G 27 -2.67 -18.29 23.37
CA HIS G 27 -3.77 -18.63 22.49
C HIS G 27 -4.47 -19.90 22.96
N ASN G 28 -5.75 -20.02 22.61
CA ASN G 28 -6.49 -21.21 23.00
C ASN G 28 -6.38 -22.31 21.96
N TYR G 29 -6.53 -21.98 20.68
CA TYR G 29 -6.48 -22.99 19.63
C TYR G 29 -5.05 -23.29 19.21
N MET G 30 -4.76 -24.57 18.99
CA MET G 30 -3.53 -25.00 18.36
C MET G 30 -3.83 -26.11 17.35
N TYR G 31 -2.99 -26.20 16.32
CA TYR G 31 -3.24 -27.03 15.15
C TYR G 31 -1.97 -27.73 14.71
N TRP G 32 -2.14 -28.92 14.14
CA TRP G 32 -1.10 -29.68 13.46
C TRP G 32 -1.52 -29.92 12.01
N TYR G 33 -0.70 -29.43 11.09
CA TYR G 33 -0.83 -29.54 9.64
C TYR G 33 0.35 -30.28 9.04
N ARG G 34 0.13 -30.88 7.87
CA ARG G 34 1.18 -31.38 7.01
C ARG G 34 1.09 -30.71 5.65
N GLN G 35 2.24 -30.54 5.00
CA GLN G 35 2.28 -29.83 3.72
C GLN G 35 3.00 -30.73 2.73
N ASP G 36 2.37 -30.98 1.59
CA ASP G 36 2.91 -31.85 0.56
C ASP G 36 2.62 -31.25 -0.80
N THR G 37 3.58 -31.36 -1.70
CA THR G 37 3.38 -30.89 -3.06
C THR G 37 2.23 -31.65 -3.70
N GLY G 38 1.32 -30.91 -4.33
CA GLY G 38 0.14 -31.49 -4.91
C GLY G 38 -1.09 -31.45 -4.02
N HIS G 39 -0.90 -31.33 -2.71
CA HIS G 39 -2.02 -31.26 -1.78
C HIS G 39 -2.11 -29.96 -1.00
N GLY G 40 -1.03 -29.17 -0.94
CA GLY G 40 -1.04 -27.98 -0.13
C GLY G 40 -0.91 -28.29 1.35
N LEU G 41 -1.60 -27.51 2.18
CA LEU G 41 -1.50 -27.58 3.63
C LEU G 41 -2.78 -28.20 4.19
N ARG G 42 -2.68 -29.42 4.73
CA ARG G 42 -3.83 -30.17 5.21
C ARG G 42 -3.80 -30.30 6.72
N LEU G 43 -4.97 -30.22 7.33
CA LEU G 43 -5.09 -30.25 8.78
C LEU G 43 -5.15 -31.69 9.28
N ILE G 44 -4.39 -31.96 10.33
CA ILE G 44 -4.29 -33.30 10.91
C ILE G 44 -5.10 -33.34 12.19
N HIS G 45 -4.77 -32.49 13.15
CA HIS G 45 -5.52 -32.46 14.41
C HIS G 45 -5.51 -31.03 14.94
N TYR G 46 -6.43 -30.74 15.85
CA TYR G 46 -6.39 -29.44 16.53
C TYR G 46 -7.00 -29.55 17.92
N SER G 47 -7.02 -28.43 18.63
CA SER G 47 -7.34 -28.39 20.04
C SER G 47 -7.70 -26.96 20.42
N TYR G 48 -8.75 -26.80 21.23
CA TYR G 48 -9.14 -25.46 21.67
C TYR G 48 -8.71 -25.17 23.10
N GLY G 49 -7.90 -26.03 23.69
CA GLY G 49 -7.44 -25.81 25.05
C GLY G 49 -6.89 -27.08 25.64
N ALA G 50 -6.25 -26.93 26.80
CA ALA G 50 -5.61 -28.04 27.47
C ALA G 50 -6.57 -29.21 27.67
N GLY G 51 -6.11 -30.41 27.31
CA GLY G 51 -6.92 -31.60 27.41
C GLY G 51 -7.87 -31.84 26.25
N ASN G 52 -8.13 -30.84 25.42
CA ASN G 52 -9.07 -30.97 24.31
C ASN G 52 -8.37 -31.45 23.06
N LEU G 53 -9.01 -32.35 22.32
CA LEU G 53 -8.49 -32.85 21.06
C LEU G 53 -9.62 -32.98 20.06
N GLN G 54 -9.41 -32.50 18.85
CA GLN G 54 -10.42 -32.58 17.81
C GLN G 54 -9.79 -33.07 16.51
N ILE G 55 -10.51 -33.96 15.84
CA ILE G 55 -9.99 -34.61 14.66
C ILE G 55 -9.98 -33.64 13.49
N GLY G 56 -8.91 -33.69 12.70
CA GLY G 56 -8.79 -32.85 11.51
C GLY G 56 -9.28 -33.56 10.27
N ASP G 57 -8.74 -33.15 9.11
CA ASP G 57 -9.15 -33.72 7.83
C ASP G 57 -8.40 -35.00 7.49
N VAL G 58 -7.12 -35.11 7.84
CA VAL G 58 -6.36 -36.31 7.50
C VAL G 58 -5.73 -36.92 8.75
N PRO G 59 -6.52 -37.44 9.70
CA PRO G 59 -5.96 -37.87 10.98
C PRO G 59 -5.41 -39.29 11.06
N ASP G 60 -5.61 -40.13 10.04
CA ASP G 60 -5.22 -41.53 10.15
C ASP G 60 -3.73 -41.67 10.37
N GLY G 61 -3.36 -42.43 11.38
CA GLY G 61 -1.97 -42.65 11.67
C GLY G 61 -1.35 -41.61 12.58
N TYR G 62 -2.12 -40.63 13.05
CA TYR G 62 -1.63 -39.64 13.97
C TYR G 62 -2.50 -39.56 15.20
N LYS G 63 -1.88 -39.39 16.35
CA LYS G 63 -2.57 -38.98 17.57
C LYS G 63 -1.98 -37.65 18.01
N ALA G 64 -2.66 -36.96 18.92
CA ALA G 64 -2.12 -35.70 19.42
C ALA G 64 -2.48 -35.57 20.89
N THR G 65 -1.70 -34.76 21.59
CA THR G 65 -1.90 -34.54 23.01
C THR G 65 -1.67 -33.09 23.33
N ARG G 66 -2.65 -32.45 23.97
CA ARG G 66 -2.55 -31.05 24.41
C ARG G 66 -2.40 -31.09 25.93
N THR G 67 -1.15 -31.13 26.41
CA THR G 67 -0.89 -31.31 27.83
C THR G 67 -1.16 -30.04 28.63
N THR G 68 -0.88 -28.88 28.04
CA THR G 68 -1.07 -27.58 28.68
C THR G 68 -1.62 -26.62 27.65
N GLN G 69 -1.75 -25.35 28.03
CA GLN G 69 -2.14 -24.35 27.05
C GLN G 69 -0.99 -24.04 26.08
N GLU G 70 0.25 -24.18 26.53
CA GLU G 70 1.39 -23.89 25.66
C GLU G 70 1.80 -25.03 24.76
N ASP G 71 1.60 -26.28 25.18
CA ASP G 71 2.26 -27.42 24.57
C ASP G 71 1.28 -28.32 23.83
N PHE G 72 1.66 -28.71 22.61
CA PHE G 72 0.84 -29.54 21.74
C PHE G 72 1.76 -30.52 21.03
N PHE G 73 1.45 -31.81 21.09
CA PHE G 73 2.33 -32.85 20.56
C PHE G 73 1.61 -33.70 19.53
N LEU G 74 2.34 -34.04 18.46
CA LEU G 74 1.84 -34.91 17.40
C LEU G 74 2.59 -36.23 17.52
N LEU G 75 1.86 -37.33 17.65
CA LEU G 75 2.44 -38.63 17.88
C LEU G 75 2.18 -39.53 16.68
N LEU G 76 3.23 -40.16 16.19
CA LEU G 76 3.20 -41.14 15.10
C LEU G 76 3.74 -42.40 15.72
N GLU G 77 2.84 -43.22 16.28
CA GLU G 77 3.30 -44.39 17.01
C GLU G 77 3.81 -45.48 16.09
N LEU G 78 3.37 -45.52 14.83
CA LEU G 78 3.80 -46.52 13.85
C LEU G 78 4.06 -45.78 12.54
N ALA G 79 5.18 -45.08 12.47
CA ALA G 79 5.49 -44.22 11.34
C ALA G 79 5.60 -45.01 10.03
N SER G 80 5.04 -44.47 8.97
CA SER G 80 5.04 -45.14 7.69
C SER G 80 5.54 -44.18 6.62
N PRO G 81 6.03 -44.72 5.49
CA PRO G 81 6.61 -43.84 4.47
C PRO G 81 5.69 -42.73 3.98
N SER G 82 4.38 -42.95 3.91
CA SER G 82 3.50 -41.87 3.46
C SER G 82 3.47 -40.69 4.41
N GLN G 83 3.97 -40.85 5.63
CA GLN G 83 4.05 -39.75 6.57
C GLN G 83 5.33 -38.93 6.44
N THR G 84 6.16 -39.23 5.45
CA THR G 84 7.19 -38.29 5.03
C THR G 84 6.53 -36.99 4.60
N SER G 85 6.87 -35.90 5.28
CA SER G 85 6.21 -34.65 4.97
C SER G 85 6.91 -33.52 5.71
N LEU G 86 6.35 -32.33 5.54
CA LEU G 86 6.75 -31.12 6.25
C LEU G 86 5.60 -30.74 7.16
N TYR G 87 5.85 -30.72 8.47
CA TYR G 87 4.81 -30.56 9.47
C TYR G 87 4.88 -29.16 10.09
N PHE G 88 3.72 -28.49 10.14
CA PHE G 88 3.61 -27.15 10.71
C PHE G 88 2.57 -27.16 11.81
N CYS G 89 2.94 -26.67 12.98
CA CYS G 89 1.91 -26.39 13.99
C CYS G 89 1.59 -24.91 13.97
N ALA G 90 0.45 -24.57 14.57
CA ALA G 90 -0.01 -23.20 14.58
C ALA G 90 -0.82 -22.95 15.85
N SER G 91 -0.95 -21.69 16.20
CA SER G 91 -1.78 -21.26 17.29
C SER G 91 -2.68 -20.15 16.80
N SER G 92 -3.74 -19.92 17.57
CA SER G 92 -4.77 -19.00 17.16
C SER G 92 -5.60 -18.66 18.37
N ASP G 93 -6.04 -17.41 18.44
CA ASP G 93 -7.07 -16.99 19.38
C ASP G 93 -8.39 -17.11 18.64
N GLY G 94 -9.17 -18.14 18.97
CA GLY G 94 -10.45 -18.35 18.30
C GLY G 94 -10.31 -18.43 16.80
N ASP G 95 -11.14 -17.67 16.09
CA ASP G 95 -11.14 -17.65 14.64
C ASP G 95 -10.36 -16.46 14.08
N TYR G 96 -9.48 -15.88 14.87
CA TYR G 96 -8.62 -14.81 14.36
C TYR G 96 -7.47 -15.43 13.58
N GLU G 97 -6.41 -14.65 13.31
CA GLU G 97 -5.35 -15.11 12.43
C GLU G 97 -4.48 -16.15 13.11
N GLN G 98 -4.08 -17.15 12.35
CA GLN G 98 -3.21 -18.21 12.85
C GLN G 98 -1.74 -17.82 12.73
N TYR G 99 -0.95 -18.22 13.72
CA TYR G 99 0.48 -18.02 13.75
C TYR G 99 1.16 -19.38 13.66
N PHE G 100 2.07 -19.53 12.69
CA PHE G 100 2.63 -20.81 12.35
C PHE G 100 4.05 -20.96 12.90
N GLY G 101 4.40 -22.21 13.22
CA GLY G 101 5.73 -22.54 13.64
C GLY G 101 6.67 -22.65 12.46
N PRO G 102 7.94 -22.92 12.76
CA PRO G 102 8.96 -22.96 11.69
C PRO G 102 8.98 -24.22 10.86
N GLY G 103 8.34 -25.29 11.30
CA GLY G 103 8.29 -26.47 10.48
C GLY G 103 9.24 -27.56 10.96
N THR G 104 8.83 -28.81 10.77
CA THR G 104 9.62 -29.99 11.06
C THR G 104 9.60 -30.85 9.82
N ARG G 105 10.77 -31.12 9.24
CA ARG G 105 10.83 -31.98 8.06
C ARG G 105 11.09 -33.42 8.51
N LEU G 106 10.16 -34.32 8.18
CA LEU G 106 10.26 -35.70 8.61
C LEU G 106 10.32 -36.61 7.40
N THR G 107 11.33 -37.48 7.38
CA THR G 107 11.48 -38.53 6.38
C THR G 107 11.29 -39.87 7.07
N VAL G 108 10.45 -40.72 6.51
CA VAL G 108 10.24 -42.08 6.99
C VAL G 108 10.66 -43.03 5.89
N LEU G 109 11.64 -43.88 6.18
CA LEU G 109 12.26 -44.75 5.19
C LEU G 109 11.85 -46.19 5.42
N GLU G 110 11.66 -46.90 4.33
CA GLU G 110 11.40 -48.33 4.46
C GLU G 110 12.68 -49.13 4.65
N ASP G 111 13.83 -48.58 4.27
CA ASP G 111 15.08 -49.33 4.32
C ASP G 111 16.25 -48.37 4.42
N LEU G 112 17.09 -48.54 5.44
CA LEU G 112 18.21 -47.63 5.63
C LEU G 112 19.40 -47.96 4.74
N LYS G 113 19.40 -49.11 4.05
CA LYS G 113 20.46 -49.42 3.11
C LYS G 113 20.41 -48.56 1.86
N ASN G 114 19.33 -47.78 1.67
CA ASN G 114 19.22 -46.86 0.54
C ASN G 114 19.84 -45.50 0.80
N VAL G 115 20.27 -45.23 2.03
CA VAL G 115 20.71 -43.89 2.41
C VAL G 115 22.13 -43.65 1.92
N PHE G 116 22.34 -42.56 1.18
CA PHE G 116 23.65 -42.17 0.68
C PHE G 116 23.86 -40.69 0.99
N PRO G 117 25.00 -40.31 1.55
CA PRO G 117 25.32 -38.88 1.70
C PRO G 117 25.57 -38.27 0.33
N PRO G 118 25.53 -36.94 0.22
CA PRO G 118 25.84 -36.30 -1.06
C PRO G 118 27.33 -36.16 -1.28
N GLU G 119 27.69 -36.07 -2.56
CA GLU G 119 28.99 -35.59 -2.98
C GLU G 119 28.83 -34.18 -3.51
N VAL G 120 29.74 -33.30 -3.13
CA VAL G 120 29.61 -31.88 -3.42
C VAL G 120 30.83 -31.43 -4.23
N ALA G 121 30.57 -30.75 -5.34
CA ALA G 121 31.63 -30.24 -6.20
C ALA G 121 31.30 -28.81 -6.61
N VAL G 122 32.31 -27.94 -6.55
CA VAL G 122 32.18 -26.55 -6.98
C VAL G 122 32.88 -26.37 -8.32
N PHE G 123 32.20 -25.66 -9.22
CA PHE G 123 32.69 -25.41 -10.58
C PHE G 123 32.94 -23.93 -10.72
N GLU G 124 34.16 -23.57 -11.16
CA GLU G 124 34.67 -22.22 -11.12
C GLU G 124 34.20 -21.42 -12.32
N PRO G 125 34.18 -20.10 -12.20
CA PRO G 125 33.62 -19.27 -13.27
C PRO G 125 34.43 -19.37 -14.56
N SER G 126 33.71 -19.49 -15.67
CA SER G 126 34.31 -19.51 -17.00
C SER G 126 34.92 -18.16 -17.32
N GLU G 127 36.15 -18.18 -17.85
CA GLU G 127 36.83 -16.93 -18.19
C GLU G 127 36.13 -16.20 -19.32
N ALA G 128 35.46 -16.93 -20.22
CA ALA G 128 34.67 -16.27 -21.25
C ALA G 128 33.51 -15.48 -20.65
N GLU G 129 32.99 -15.90 -19.49
CA GLU G 129 31.97 -15.13 -18.80
C GLU G 129 32.56 -13.93 -18.08
N ILE G 130 33.73 -14.11 -17.45
CA ILE G 130 34.39 -12.99 -16.79
C ILE G 130 34.73 -11.90 -17.79
N SER G 131 35.06 -12.28 -19.03
CA SER G 131 35.34 -11.27 -20.04
C SER G 131 34.06 -10.70 -20.63
N HIS G 132 33.11 -11.58 -20.96
CA HIS G 132 31.92 -11.13 -21.70
C HIS G 132 30.98 -10.31 -20.84
N THR G 133 30.89 -10.58 -19.53
CA THR G 133 29.92 -9.89 -18.69
C THR G 133 30.53 -9.19 -17.49
N GLN G 134 31.84 -9.30 -17.27
CA GLN G 134 32.50 -8.75 -16.08
C GLN G 134 31.89 -9.30 -14.79
N LYS G 135 31.31 -10.49 -14.86
CA LYS G 135 30.81 -11.16 -13.67
C LYS G 135 31.25 -12.60 -13.70
N ALA G 136 31.19 -13.25 -12.54
CA ALA G 136 31.70 -14.61 -12.36
C ALA G 136 30.67 -15.44 -11.62
N THR G 137 30.25 -16.57 -12.22
CA THR G 137 29.27 -17.45 -11.60
C THR G 137 29.95 -18.75 -11.16
N LEU G 138 29.80 -19.08 -9.88
CA LEU G 138 30.17 -20.39 -9.37
C LEU G 138 28.95 -21.30 -9.34
N VAL G 139 29.14 -22.55 -9.72
CA VAL G 139 28.06 -23.52 -9.74
C VAL G 139 28.37 -24.60 -8.72
N CYS G 140 27.40 -24.94 -7.89
CA CYS G 140 27.58 -26.04 -6.96
C CYS G 140 26.69 -27.21 -7.35
N LEU G 141 27.22 -28.42 -7.19
CA LEU G 141 26.51 -29.65 -7.51
C LEU G 141 26.57 -30.58 -6.32
N ALA G 142 25.40 -30.99 -5.83
CA ALA G 142 25.28 -32.01 -4.81
C ALA G 142 24.59 -33.22 -5.44
N THR G 143 25.32 -34.33 -5.52
CA THR G 143 24.87 -35.47 -6.30
C THR G 143 24.84 -36.72 -5.42
N GLY G 144 23.97 -37.65 -5.81
CA GLY G 144 23.98 -38.98 -5.23
C GLY G 144 23.49 -39.12 -3.80
N PHE G 145 22.65 -38.21 -3.34
CA PHE G 145 22.19 -38.29 -1.96
C PHE G 145 20.80 -38.90 -1.86
N TYR G 146 20.59 -39.64 -0.79
CA TYR G 146 19.29 -40.19 -0.44
C TYR G 146 19.23 -40.29 1.07
N PRO G 147 18.11 -39.87 1.69
CA PRO G 147 16.89 -39.34 1.07
C PRO G 147 17.01 -37.91 0.61
N ASP G 148 15.96 -37.39 0.03
CA ASP G 148 15.87 -36.00 -0.36
C ASP G 148 15.61 -35.18 0.90
N HIS G 149 16.70 -34.80 1.58
CA HIS G 149 16.60 -34.13 2.86
C HIS G 149 17.90 -33.38 3.12
N VAL G 150 18.14 -32.28 2.40
CA VAL G 150 19.40 -31.52 2.47
C VAL G 150 19.10 -30.04 2.52
N GLU G 151 20.12 -29.26 2.86
CA GLU G 151 20.05 -27.81 2.79
C GLU G 151 21.40 -27.31 2.28
N LEU G 152 21.37 -26.51 1.22
CA LEU G 152 22.56 -26.02 0.56
C LEU G 152 22.71 -24.53 0.84
N SER G 153 23.93 -24.12 1.22
CA SER G 153 24.21 -22.74 1.58
C SER G 153 25.61 -22.34 1.10
N TRP G 154 25.76 -21.09 0.70
CA TRP G 154 27.03 -20.54 0.21
C TRP G 154 27.71 -19.71 1.28
N TRP G 155 29.04 -19.80 1.34
CA TRP G 155 29.84 -19.13 2.37
C TRP G 155 31.03 -18.44 1.71
N VAL G 156 31.05 -17.12 1.82
CA VAL G 156 32.14 -16.29 1.31
C VAL G 156 32.95 -15.82 2.51
N ASN G 157 34.26 -16.04 2.46
CA ASN G 157 35.17 -15.64 3.53
C ASN G 157 34.64 -16.06 4.90
N GLY G 158 34.05 -17.26 4.96
CA GLY G 158 33.63 -17.81 6.22
C GLY G 158 32.31 -17.31 6.75
N LYS G 159 31.54 -16.56 5.97
CA LYS G 159 30.22 -16.12 6.40
C LYS G 159 29.21 -16.37 5.29
N GLU G 160 27.99 -16.76 5.68
CA GLU G 160 26.98 -17.20 4.73
C GLU G 160 26.43 -16.02 3.93
N VAL G 161 26.23 -16.23 2.64
CA VAL G 161 25.72 -15.17 1.77
C VAL G 161 24.38 -15.58 1.18
N HIS G 162 23.58 -14.58 0.83
CA HIS G 162 22.30 -14.82 0.17
C HIS G 162 22.18 -13.99 -1.09
N SER G 163 22.82 -12.83 -1.13
CA SER G 163 22.83 -12.03 -2.35
C SER G 163 23.54 -12.78 -3.47
N GLY G 164 22.98 -12.69 -4.67
CA GLY G 164 23.55 -13.35 -5.84
C GLY G 164 23.38 -14.85 -5.88
N VAL G 165 22.70 -15.45 -4.90
CA VAL G 165 22.56 -16.90 -4.82
C VAL G 165 21.21 -17.32 -5.40
N CYS G 166 21.20 -18.46 -6.09
CA CYS G 166 19.93 -19.09 -6.41
C CYS G 166 20.16 -20.60 -6.43
N THR G 167 19.25 -21.34 -5.80
CA THR G 167 19.29 -22.79 -5.68
C THR G 167 18.03 -23.39 -6.30
N ASP G 168 18.15 -24.60 -6.83
CA ASP G 168 16.99 -25.26 -7.40
C ASP G 168 15.92 -25.45 -6.33
N PRO G 169 14.65 -25.21 -6.65
CA PRO G 169 13.60 -25.34 -5.63
C PRO G 169 13.42 -26.77 -5.16
N GLN G 170 13.59 -27.77 -6.01
CA GLN G 170 13.58 -29.16 -5.59
C GLN G 170 14.69 -29.90 -6.31
N PRO G 171 15.24 -30.95 -5.71
CA PRO G 171 16.20 -31.79 -6.40
C PRO G 171 15.54 -32.60 -7.50
N LEU G 172 16.37 -33.17 -8.36
CA LEU G 172 15.90 -34.04 -9.43
C LEU G 172 16.37 -35.47 -9.17
N LYS G 173 15.62 -36.43 -9.69
CA LYS G 173 15.98 -37.83 -9.60
C LYS G 173 17.02 -38.16 -10.66
N GLU G 174 18.14 -38.75 -10.22
CA GLU G 174 19.15 -39.20 -11.16
C GLU G 174 18.68 -40.40 -11.97
N GLN G 175 17.72 -41.17 -11.46
CA GLN G 175 17.15 -42.32 -12.15
C GLN G 175 15.65 -42.32 -11.93
N PRO G 176 14.92 -41.46 -12.64
CA PRO G 176 13.47 -41.32 -12.40
C PRO G 176 12.71 -42.62 -12.53
N ALA G 177 13.30 -43.63 -13.15
CA ALA G 177 12.67 -44.93 -13.32
C ALA G 177 12.83 -45.86 -12.11
N LEU G 178 13.29 -45.35 -10.97
CA LEU G 178 13.45 -46.16 -9.76
C LEU G 178 12.84 -45.45 -8.56
N ASN G 179 12.09 -46.21 -7.75
CA ASN G 179 11.45 -45.65 -6.57
C ASN G 179 12.45 -45.27 -5.50
N ASP G 180 13.64 -45.86 -5.51
CA ASP G 180 14.68 -45.53 -4.53
C ASP G 180 15.78 -44.68 -5.14
N SER G 181 15.52 -44.03 -6.26
CA SER G 181 16.53 -43.23 -6.95
C SER G 181 17.16 -42.21 -6.01
N ARG G 182 18.42 -41.91 -6.25
CA ARG G 182 19.08 -40.84 -5.54
C ARG G 182 18.83 -39.52 -6.25
N TYR G 183 19.23 -38.43 -5.60
CA TYR G 183 18.88 -37.09 -6.03
C TYR G 183 20.13 -36.27 -6.31
N ALA G 184 19.94 -35.19 -7.06
CA ALA G 184 20.97 -34.20 -7.33
C ALA G 184 20.36 -32.81 -7.30
N LEU G 185 21.17 -31.82 -6.94
CA LEU G 185 20.72 -30.45 -6.75
C LEU G 185 21.83 -29.50 -7.17
N SER G 186 21.48 -28.43 -7.89
CA SER G 186 22.46 -27.46 -8.33
C SER G 186 22.16 -26.10 -7.71
N SER G 187 23.21 -25.30 -7.55
CA SER G 187 23.07 -23.94 -7.06
C SER G 187 24.05 -23.05 -7.81
N ARG G 188 23.82 -21.74 -7.76
CA ARG G 188 24.71 -20.78 -8.40
C ARG G 188 24.93 -19.62 -7.45
N LEU G 189 26.15 -19.08 -7.48
CA LEU G 189 26.53 -17.89 -6.73
C LEU G 189 27.30 -16.98 -7.68
N ARG G 190 26.75 -15.81 -7.98
CA ARG G 190 27.37 -14.90 -8.93
C ARG G 190 27.93 -13.69 -8.19
N VAL G 191 29.18 -13.33 -8.51
CA VAL G 191 29.86 -12.19 -7.93
C VAL G 191 30.41 -11.34 -9.08
N SER G 192 30.99 -10.21 -8.71
CA SER G 192 31.67 -9.37 -9.69
C SER G 192 33.03 -9.97 -10.03
N ALA G 193 33.45 -9.79 -11.29
CA ALA G 193 34.75 -10.28 -11.72
C ALA G 193 35.87 -9.76 -10.82
N THR G 194 35.79 -8.49 -10.41
CA THR G 194 36.76 -7.95 -9.46
C THR G 194 36.78 -8.76 -8.18
N PHE G 195 35.61 -9.15 -7.68
CA PHE G 195 35.56 -9.94 -6.45
C PHE G 195 36.10 -11.34 -6.66
N TRP G 196 35.84 -11.93 -7.83
CA TRP G 196 36.36 -13.27 -8.13
C TRP G 196 37.87 -13.27 -8.29
N GLN G 197 38.44 -12.19 -8.82
CA GLN G 197 39.86 -12.15 -9.11
C GLN G 197 40.70 -11.78 -7.90
N ASN G 198 40.09 -11.41 -6.78
CA ASN G 198 40.85 -11.25 -5.56
C ASN G 198 41.20 -12.64 -5.03
N PRO G 199 42.49 -13.01 -4.97
CA PRO G 199 42.85 -14.36 -4.51
C PRO G 199 42.74 -14.55 -3.01
N ARG G 200 42.31 -13.53 -2.26
CA ARG G 200 42.07 -13.68 -0.84
C ARG G 200 40.61 -13.97 -0.51
N ASN G 201 39.75 -14.06 -1.51
CA ASN G 201 38.36 -14.39 -1.29
C ASN G 201 38.20 -15.90 -1.35
N HIS G 202 37.58 -16.46 -0.31
CA HIS G 202 37.33 -17.89 -0.17
C HIS G 202 35.84 -18.18 -0.36
N PHE G 203 35.53 -19.23 -1.12
CA PHE G 203 34.17 -19.61 -1.44
C PHE G 203 33.93 -21.06 -1.04
N ARG G 204 32.79 -21.33 -0.42
CA ARG G 204 32.48 -22.70 0.00
C ARG G 204 31.00 -22.97 -0.16
N CYS G 205 30.69 -24.01 -0.92
CA CYS G 205 29.35 -24.57 -1.01
C CYS G 205 29.19 -25.66 0.04
N GLN G 206 28.18 -25.50 0.89
CA GLN G 206 27.92 -26.39 2.03
C GLN G 206 26.58 -27.08 1.84
N VAL G 207 26.57 -28.40 1.99
CA VAL G 207 25.35 -29.20 1.93
C VAL G 207 25.20 -29.94 3.25
N GLN G 208 24.22 -29.52 4.04
CA GLN G 208 23.78 -30.23 5.23
C GLN G 208 22.86 -31.37 4.83
N PHE G 209 23.17 -32.56 5.33
CA PHE G 209 22.48 -33.78 4.95
C PHE G 209 21.98 -34.46 6.22
N TYR G 210 20.72 -34.85 6.18
CA TYR G 210 20.07 -35.53 7.30
C TYR G 210 19.90 -36.99 6.89
N GLY G 211 20.54 -37.88 7.63
CA GLY G 211 20.46 -39.29 7.33
C GLY G 211 20.34 -40.09 8.61
N LEU G 212 21.19 -41.11 8.77
CA LEU G 212 21.07 -41.94 9.95
C LEU G 212 21.75 -41.32 11.15
N SER G 213 21.46 -41.87 12.31
CA SER G 213 22.04 -41.41 13.56
C SER G 213 23.07 -42.40 14.07
N GLU G 214 23.79 -41.99 15.12
CA GLU G 214 24.73 -42.90 15.77
C GLU G 214 24.02 -44.13 16.32
N ASN G 215 22.77 -43.98 16.75
CA ASN G 215 22.03 -45.10 17.34
C ASN G 215 21.63 -46.14 16.29
N ASP G 216 21.46 -45.73 15.02
CA ASP G 216 21.00 -46.66 14.01
C ASP G 216 22.04 -47.75 13.74
N GLU G 217 21.55 -48.93 13.37
CA GLU G 217 22.40 -50.07 13.08
C GLU G 217 22.98 -49.95 11.67
N TRP G 218 24.26 -50.30 11.53
CA TRP G 218 24.91 -50.26 10.23
C TRP G 218 25.98 -51.34 10.14
N THR G 219 25.79 -52.29 9.23
CA THR G 219 26.73 -53.40 9.05
C THR G 219 27.34 -53.46 7.66
N GLN G 220 26.93 -52.58 6.75
CA GLN G 220 27.60 -52.53 5.46
C GLN G 220 29.04 -52.05 5.66
N ASP G 221 29.85 -52.21 4.61
CA ASP G 221 31.21 -51.74 4.70
C ASP G 221 31.43 -50.43 3.95
N ARG G 222 30.42 -49.95 3.24
CA ARG G 222 30.32 -48.53 2.96
C ARG G 222 30.28 -47.75 4.27
N ALA G 223 30.90 -46.58 4.27
CA ALA G 223 30.86 -45.72 5.44
C ALA G 223 29.42 -45.40 5.84
N LYS G 224 29.19 -45.30 7.14
CA LYS G 224 27.83 -45.15 7.64
C LYS G 224 27.25 -43.81 7.18
N PRO G 225 26.15 -43.80 6.43
CA PRO G 225 25.62 -42.55 5.88
C PRO G 225 24.93 -41.71 6.95
N VAL G 226 25.69 -41.18 7.89
CA VAL G 226 25.14 -40.44 9.00
C VAL G 226 24.80 -39.01 8.57
N THR G 227 24.01 -38.34 9.41
CA THR G 227 23.81 -36.91 9.27
C THR G 227 25.15 -36.18 9.30
N GLN G 228 25.37 -35.29 8.35
CA GLN G 228 26.71 -34.71 8.19
C GLN G 228 26.66 -33.52 7.25
N ILE G 229 27.77 -32.80 7.20
CA ILE G 229 27.95 -31.68 6.29
C ILE G 229 29.02 -32.05 5.28
N VAL G 230 28.70 -31.92 4.00
CA VAL G 230 29.63 -32.15 2.91
C VAL G 230 29.79 -30.82 2.18
N SER G 231 31.03 -30.32 2.11
CA SER G 231 31.33 -29.04 1.48
C SER G 231 32.35 -29.21 0.36
N ALA G 232 32.36 -28.23 -0.54
CA ALA G 232 33.43 -28.09 -1.53
C ALA G 232 33.72 -26.61 -1.67
N GLU G 233 34.98 -26.29 -2.00
CA GLU G 233 35.44 -24.91 -1.90
C GLU G 233 36.25 -24.52 -3.12
N ALA G 234 36.56 -23.22 -3.19
CA ALA G 234 37.37 -22.67 -4.26
C ALA G 234 37.82 -21.28 -3.84
N TRP G 235 39.02 -20.93 -4.29
CA TRP G 235 39.62 -19.63 -3.98
C TRP G 235 39.50 -18.70 -5.19
N GLY G 236 39.55 -17.41 -4.91
CA GLY G 236 39.62 -16.42 -5.97
C GLY G 236 40.90 -16.55 -6.78
N ARG G 237 40.78 -16.44 -8.11
CA ARG G 237 41.91 -16.54 -9.01
C ARG G 237 42.10 -15.21 -9.73
N ALA G 238 43.22 -14.53 -9.49
CA ALA G 238 43.51 -13.32 -10.25
C ALA G 238 43.79 -13.66 -11.71
N ASP G 239 44.24 -14.88 -11.97
CA ASP G 239 44.35 -15.47 -13.28
C ASP G 239 44.31 -16.98 -13.10
N SER H 1 -32.52 -16.22 11.57
CA SER H 1 -31.31 -17.03 11.48
C SER H 1 -30.29 -16.55 12.49
N PRO H 2 -29.70 -17.48 13.23
CA PRO H 2 -28.80 -17.09 14.33
C PRO H 2 -27.53 -16.42 13.82
N SER H 3 -26.88 -15.73 14.75
CA SER H 3 -25.62 -15.04 14.49
C SER H 3 -24.53 -15.68 15.33
N TYR H 4 -23.48 -16.16 14.68
CA TYR H 4 -22.31 -16.68 15.37
C TYR H 4 -21.59 -15.55 16.09
N ALA H 5 -21.29 -15.74 17.37
CA ALA H 5 -20.68 -14.67 18.15
C ALA H 5 -19.34 -14.23 17.59
N TYR H 6 -18.53 -15.19 17.12
CA TYR H 6 -17.23 -14.99 16.47
C TYR H 6 -16.16 -14.44 17.39
N HIS H 7 -16.31 -13.20 17.84
CA HIS H 7 -15.22 -12.51 18.51
C HIS H 7 -14.98 -13.05 19.92
N GLN H 8 -13.71 -13.08 20.30
CA GLN H 8 -13.25 -13.72 21.52
C GLN H 8 -13.18 -12.73 22.68
N PHE H 9 -13.48 -13.22 23.87
CA PHE H 9 -13.38 -12.41 25.08
C PHE H 9 -11.89 -12.16 25.43
#